data_5QJA
#
_entry.id   5QJA
#
_cell.length_a   49.437
_cell.length_b   59.840
_cell.length_c   80.189
_cell.angle_alpha   79.330
_cell.angle_beta   81.510
_cell.angle_gamma   75.500
#
_symmetry.space_group_name_H-M   'P 1'
#
loop_
_entity.id
_entity.type
_entity.pdbx_description
1 polymer 'ADP-sugar pyrophosphatase'
2 non-polymer 'MAGNESIUM ION'
3 non-polymer 'CHLORIDE ION'
4 non-polymer (2,5-dimethyl-1,3-thiazol-4-yl)(pyrrolidin-1-yl)methanone
5 non-polymer 1,2-ETHANEDIOL
6 water water
#
_entity_poly.entity_id   1
_entity_poly.type   'polypeptide(L)'
_entity_poly.pdbx_seq_one_letter_code
;SMESQEPTESSQNGKQYIISEELISEGKWVKLEKTTYMDPTGKTRTWESVKRTTRKEQTADGVAVIPVLQRTLHYECIVL
VKQFRPPMGGYCIEFPAGLIDDGETPEAAALRELEEETGYKGDIAECSPAVCMDPGLSNCTIHIVTVTINGDDAENARPK
PKPGDGEFVEVISLPKNDLLQRLDALVAEEHLTVDARVYSYALALKHAN
;
_entity_poly.pdbx_strand_id   A,B,C,D
#
loop_
_chem_comp.id
_chem_comp.type
_chem_comp.name
_chem_comp.formula
CL non-polymer 'CHLORIDE ION' 'Cl -1'
EDO non-polymer 1,2-ETHANEDIOL 'C2 H6 O2'
K0A non-polymer (2,5-dimethyl-1,3-thiazol-4-yl)(pyrrolidin-1-yl)methanone 'C10 H14 N2 O S'
MG non-polymer 'MAGNESIUM ION' 'Mg 2'
#
# COMPACT_ATOMS: atom_id res chain seq x y z
N LYS A 15 -20.48 -0.11 42.25
CA LYS A 15 -21.37 -1.23 42.72
C LYS A 15 -20.58 -2.52 42.98
N GLN A 16 -19.75 -2.95 42.04
CA GLN A 16 -19.05 -4.25 42.15
C GLN A 16 -17.66 -4.09 42.74
N TYR A 17 -17.23 -5.11 43.47
CA TYR A 17 -15.89 -5.10 44.04
C TYR A 17 -15.39 -6.51 44.32
N ILE A 18 -14.07 -6.59 44.56
CA ILE A 18 -13.39 -7.84 44.86
C ILE A 18 -13.59 -8.13 46.35
N ILE A 19 -13.92 -9.38 46.65
CA ILE A 19 -14.02 -9.88 48.02
C ILE A 19 -12.77 -10.60 48.43
N SER A 20 -12.31 -11.52 47.60
CA SER A 20 -11.03 -12.16 47.90
C SER A 20 -10.38 -12.66 46.65
N GLU A 21 -9.07 -12.90 46.77
CA GLU A 21 -8.29 -13.49 45.70
C GLU A 21 -7.55 -14.67 46.32
N GLU A 22 -7.89 -15.88 45.89
CA GLU A 22 -7.34 -17.13 46.42
C GLU A 22 -6.37 -17.66 45.43
N LEU A 23 -5.11 -17.86 45.84
CA LEU A 23 -4.13 -18.43 44.94
C LEU A 23 -4.52 -19.87 44.62
N ILE A 24 -4.60 -20.23 43.35
CA ILE A 24 -4.76 -21.61 42.88
C ILE A 24 -3.38 -22.22 42.53
N SER A 25 -2.56 -21.52 41.76
CA SER A 25 -1.25 -22.05 41.36
C SER A 25 -0.28 -20.97 40.94
N GLU A 26 0.97 -21.00 41.43
CA GLU A 26 1.98 -19.98 41.14
C GLU A 26 3.17 -20.63 40.44
N GLY A 27 3.44 -20.17 39.22
CA GLY A 27 4.67 -20.48 38.50
C GLY A 27 5.73 -19.45 38.78
N LYS A 28 6.80 -19.50 37.98
CA LYS A 28 7.87 -18.51 38.09
C LYS A 28 7.43 -17.15 37.53
N TRP A 29 6.55 -17.18 36.53
CA TRP A 29 6.16 -15.98 35.76
C TRP A 29 4.67 -15.60 35.80
N VAL A 30 3.81 -16.61 35.96
CA VAL A 30 2.36 -16.45 35.92
C VAL A 30 1.73 -17.26 37.04
N LYS A 31 0.67 -16.70 37.62
CA LYS A 31 -0.17 -17.36 38.63
C LYS A 31 -1.67 -17.32 38.24
N LEU A 32 -2.44 -18.29 38.72
CA LEU A 32 -3.86 -18.43 38.51
C LEU A 32 -4.55 -18.22 39.86
N GLU A 33 -5.59 -17.40 39.89
CA GLU A 33 -6.28 -17.07 41.15
C GLU A 33 -7.75 -17.38 40.99
N LYS A 34 -8.39 -17.73 42.13
CA LYS A 34 -9.85 -17.84 42.25
C LYS A 34 -10.31 -16.51 42.85
N THR A 35 -11.06 -15.75 42.07
CA THR A 35 -11.45 -14.41 42.48
C THR A 35 -12.86 -14.47 42.94
N THR A 36 -13.14 -13.90 44.13
CA THR A 36 -14.49 -13.77 44.61
C THR A 36 -14.84 -12.30 44.60
N TYR A 37 -15.99 -11.99 44.02
CA TYR A 37 -16.43 -10.62 43.86
C TYR A 37 -17.95 -10.43 44.12
N MET A 38 -18.31 -9.19 44.37
CA MET A 38 -19.70 -8.84 44.64
C MET A 38 -20.33 -8.35 43.35
N ASP A 39 -21.44 -8.97 42.95
CA ASP A 39 -22.14 -8.56 41.73
C ASP A 39 -23.10 -7.40 42.03
N PRO A 40 -23.55 -6.71 40.98
CA PRO A 40 -24.35 -5.53 41.27
C PRO A 40 -25.75 -5.79 41.86
N THR A 41 -26.26 -7.03 41.77
CA THR A 41 -27.50 -7.43 42.52
C THR A 41 -27.23 -7.72 44.02
N GLY A 42 -25.99 -7.53 44.48
CA GLY A 42 -25.58 -7.93 45.82
C GLY A 42 -25.29 -9.42 46.03
N LYS A 43 -25.18 -10.21 44.96
CA LYS A 43 -24.77 -11.62 45.02
C LYS A 43 -23.24 -11.83 44.81
N THR A 44 -22.66 -12.66 45.69
CA THR A 44 -21.26 -13.09 45.71
C THR A 44 -21.09 -14.06 44.47
N ARG A 45 -20.14 -13.77 43.56
CA ARG A 45 -19.77 -14.71 42.48
C ARG A 45 -18.22 -14.94 42.40
N THR A 46 -17.82 -15.93 41.60
CA THR A 46 -16.41 -16.24 41.39
C THR A 46 -15.95 -16.17 39.92
N TRP A 47 -14.67 -15.95 39.79
CA TRP A 47 -14.00 -15.83 38.51
C TRP A 47 -12.67 -16.56 38.65
N GLU A 48 -12.06 -16.91 37.54
CA GLU A 48 -10.68 -17.33 37.52
C GLU A 48 -9.86 -16.25 36.83
N SER A 49 -8.78 -15.84 37.48
CA SER A 49 -8.00 -14.69 37.06
C SER A 49 -6.55 -15.07 36.88
N VAL A 50 -5.97 -14.58 35.78
CA VAL A 50 -4.55 -14.74 35.54
C VAL A 50 -3.82 -13.49 35.93
N LYS A 51 -2.65 -13.65 36.52
CA LYS A 51 -1.79 -12.51 36.78
C LYS A 51 -0.33 -12.85 36.58
N ARG A 52 0.51 -11.87 36.25
CA ARG A 52 1.96 -12.14 36.26
C ARG A 52 2.50 -12.05 37.68
N THR A 53 3.64 -12.72 37.91
CA THR A 53 4.34 -12.67 39.21
C THR A 53 5.44 -11.57 39.30
N THR A 54 5.62 -10.86 38.19
CA THR A 54 6.72 -9.96 37.99
C THR A 54 6.41 -8.45 38.13
N ARG A 55 5.15 -8.10 38.42
CA ARG A 55 4.71 -6.72 38.55
C ARG A 55 5.09 -6.21 39.93
N LYS A 56 5.64 -5.00 39.98
CA LYS A 56 6.23 -4.42 41.17
C LYS A 56 5.38 -3.17 41.53
N GLU A 57 6.01 -2.00 41.66
CA GLU A 57 5.29 -0.72 41.70
C GLU A 57 5.20 -0.04 40.32
N GLN A 58 5.19 -0.80 39.22
CA GLN A 58 5.08 -0.18 37.90
C GLN A 58 3.62 0.06 37.68
N THR A 59 3.37 1.05 36.86
CA THR A 59 2.03 1.43 36.52
C THR A 59 1.44 0.45 35.53
N ALA A 60 2.26 -0.49 35.04
CA ALA A 60 1.84 -1.56 34.20
C ALA A 60 2.89 -2.66 34.11
N ASP A 61 2.50 -3.81 33.61
CA ASP A 61 3.41 -4.88 33.38
C ASP A 61 4.45 -4.54 32.32
N GLY A 62 3.98 -3.90 31.25
CA GLY A 62 4.71 -3.83 30.02
C GLY A 62 4.46 -2.55 29.22
N VAL A 63 5.22 -2.46 28.15
CA VAL A 63 4.94 -1.48 27.11
C VAL A 63 4.78 -2.20 25.78
N ALA A 64 4.04 -1.57 24.88
CA ALA A 64 4.12 -1.89 23.46
C ALA A 64 4.39 -0.52 22.74
N VAL A 65 5.17 -0.58 21.70
CA VAL A 65 5.67 0.58 21.04
C VAL A 65 5.03 0.65 19.67
N ILE A 66 4.47 1.82 19.37
CA ILE A 66 3.97 2.14 18.03
C ILE A 66 5.05 3.00 17.37
N PRO A 67 5.89 2.39 16.51
CA PRO A 67 7.04 3.11 16.04
C PRO A 67 6.85 3.56 14.60
N VAL A 68 6.84 4.86 14.42
CA VAL A 68 6.53 5.46 13.13
C VAL A 68 7.81 5.88 12.48
N LEU A 69 8.22 5.14 11.45
CA LEU A 69 9.48 5.38 10.83
C LEU A 69 9.28 6.45 9.80
N GLN A 70 10.06 7.56 9.92
CA GLN A 70 9.86 8.76 9.08
C GLN A 70 11.16 9.03 8.34
N ARG A 71 11.08 9.16 7.00
CA ARG A 71 12.25 9.41 6.18
C ARG A 71 11.80 10.34 5.13
N THR A 72 12.65 11.31 4.81
CA THR A 72 12.34 12.18 3.66
C THR A 72 12.13 11.36 2.35
N LEU A 73 11.06 11.69 1.67
CA LEU A 73 10.72 11.13 0.33
C LEU A 73 10.41 9.64 0.39
N HIS A 74 9.98 9.22 1.59
CA HIS A 74 9.34 7.89 1.83
C HIS A 74 7.96 8.06 2.47
N TYR A 75 7.08 7.09 2.21
CA TYR A 75 5.94 6.95 3.00
C TYR A 75 6.37 6.46 4.41
N GLU A 76 5.66 6.96 5.37
CA GLU A 76 5.82 6.59 6.82
C GLU A 76 5.58 5.11 6.96
N CYS A 77 6.45 4.40 7.67
CA CYS A 77 6.29 2.97 7.98
C CYS A 77 5.94 2.80 9.43
N ILE A 78 5.17 1.75 9.73
CA ILE A 78 4.97 1.25 11.08
C ILE A 78 5.94 0.11 11.21
N VAL A 79 6.78 0.12 12.22
CA VAL A 79 7.81 -0.92 12.41
C VAL A 79 7.24 -2.01 13.33
N LEU A 80 7.18 -3.23 12.83
CA LEU A 80 6.64 -4.37 13.55
C LEU A 80 7.68 -5.45 13.73
N VAL A 81 7.38 -6.40 14.57
CA VAL A 81 8.34 -7.49 14.81
C VAL A 81 7.65 -8.79 14.75
N LYS A 82 8.36 -9.81 14.25
CA LYS A 82 7.83 -11.17 14.14
C LYS A 82 8.74 -12.07 15.01
N GLN A 83 8.13 -12.90 15.86
CA GLN A 83 8.84 -13.71 16.83
C GLN A 83 8.05 -14.99 17.03
N PHE A 84 8.74 -16.02 17.47
CA PHE A 84 8.03 -17.21 17.91
C PHE A 84 7.51 -16.97 19.31
N ARG A 85 6.27 -17.34 19.51
CA ARG A 85 5.57 -17.18 20.77
C ARG A 85 5.14 -18.52 21.29
N PRO A 86 5.88 -19.04 22.28
CA PRO A 86 5.51 -20.36 22.84
C PRO A 86 4.03 -20.56 23.24
N PRO A 87 3.36 -19.57 23.91
CA PRO A 87 1.92 -19.75 24.15
C PRO A 87 1.01 -20.02 22.96
N MET A 88 1.33 -19.42 21.83
CA MET A 88 0.66 -19.62 20.60
C MET A 88 1.16 -20.80 19.78
N GLY A 89 2.33 -21.36 20.09
CA GLY A 89 2.95 -22.41 19.21
C GLY A 89 3.23 -22.04 17.76
N GLY A 90 3.63 -20.79 17.52
CA GLY A 90 3.84 -20.30 16.17
C GLY A 90 4.33 -18.85 16.21
N TYR A 91 4.53 -18.31 15.02
CA TYR A 91 5.03 -16.96 14.84
C TYR A 91 3.90 -15.91 14.87
N CYS A 92 4.22 -14.75 15.47
CA CYS A 92 3.23 -13.68 15.64
C CYS A 92 3.86 -12.41 15.18
N ILE A 93 3.06 -11.53 14.60
CA ILE A 93 3.53 -10.21 14.18
C ILE A 93 2.89 -9.17 15.18
N GLU A 94 3.74 -8.37 15.85
CA GLU A 94 3.37 -7.51 16.97
C GLU A 94 4.07 -6.17 16.92
N PHE A 95 3.53 -5.20 17.65
CA PHE A 95 4.29 -4.01 18.01
C PHE A 95 5.49 -4.50 18.86
N PRO A 96 6.70 -3.88 18.70
CA PRO A 96 7.79 -4.09 19.64
C PRO A 96 7.31 -3.88 21.09
N ALA A 97 7.74 -4.73 22.02
CA ALA A 97 7.15 -4.75 23.34
C ALA A 97 8.05 -5.46 24.29
N GLY A 98 7.95 -5.07 25.57
CA GLY A 98 8.56 -5.87 26.64
C GLY A 98 8.10 -5.42 28.00
N LEU A 99 8.55 -6.13 29.04
CA LEU A 99 8.09 -5.77 30.35
C LEU A 99 8.87 -4.53 30.84
N ILE A 100 8.31 -3.76 31.77
CA ILE A 100 8.96 -2.56 32.30
C ILE A 100 9.83 -3.03 33.46
N ASP A 101 11.11 -2.67 33.47
CA ASP A 101 12.03 -3.11 34.55
C ASP A 101 11.64 -2.32 35.80
N ASP A 102 11.90 -2.88 36.97
CA ASP A 102 11.68 -2.19 38.27
C ASP A 102 12.35 -0.81 38.25
N GLY A 103 11.59 0.24 38.51
CA GLY A 103 12.10 1.62 38.58
C GLY A 103 12.20 2.33 37.23
N GLU A 104 11.97 1.59 36.15
CA GLU A 104 12.14 2.12 34.82
C GLU A 104 10.85 2.86 34.44
N THR A 105 10.93 3.94 33.69
CA THR A 105 9.70 4.63 33.31
C THR A 105 9.09 3.87 32.04
N PRO A 106 7.78 3.98 31.82
CA PRO A 106 7.22 3.38 30.57
C PRO A 106 7.90 3.94 29.33
N GLU A 107 8.11 5.25 29.26
CA GLU A 107 8.86 5.82 28.11
C GLU A 107 10.26 5.27 27.87
N ALA A 108 11.04 5.26 28.93
CA ALA A 108 12.36 4.61 28.87
C ALA A 108 12.30 3.13 28.46
N ALA A 109 11.36 2.39 29.01
CA ALA A 109 11.16 1.00 28.63
C ALA A 109 10.83 0.93 27.18
N ALA A 110 9.91 1.78 26.67
CA ALA A 110 9.59 1.74 25.21
C ALA A 110 10.81 1.96 24.31
N LEU A 111 11.61 2.97 24.61
CA LEU A 111 12.72 3.34 23.76
C LEU A 111 13.79 2.25 23.88
N ARG A 112 13.96 1.72 25.07
CA ARG A 112 14.89 0.59 25.25
C ARG A 112 14.43 -0.66 24.48
N GLU A 113 13.17 -1.10 24.65
CA GLU A 113 12.71 -2.25 23.91
C GLU A 113 12.78 -2.08 22.36
N LEU A 114 12.41 -0.89 21.87
CA LEU A 114 12.46 -0.56 20.46
C LEU A 114 13.89 -0.70 19.95
N GLU A 115 14.85 -0.18 20.72
CA GLU A 115 16.23 -0.33 20.26
C GLU A 115 16.66 -1.77 20.29
N GLU A 116 16.35 -2.48 21.38
CA GLU A 116 16.76 -3.89 21.53
C GLU A 116 16.22 -4.80 20.45
N GLU A 117 14.97 -4.59 20.08
CA GLU A 117 14.25 -5.47 19.18
C GLU A 117 14.41 -5.08 17.70
N THR A 118 14.60 -3.80 17.42
CA THR A 118 14.69 -3.32 16.04
C THR A 118 15.97 -2.63 15.64
N GLY A 119 16.70 -2.17 16.61
CA GLY A 119 17.87 -1.36 16.33
C GLY A 119 17.64 0.13 16.29
N TYR A 120 16.39 0.55 16.08
CA TYR A 120 16.10 1.92 15.97
C TYR A 120 16.13 2.67 17.30
N LYS A 121 16.56 3.93 17.18
CA LYS A 121 16.55 4.88 18.22
C LYS A 121 15.45 5.89 17.99
N GLY A 122 14.38 5.76 18.74
CA GLY A 122 13.27 6.61 18.56
C GLY A 122 13.25 7.86 19.37
N ASP A 123 12.20 8.64 19.18
CA ASP A 123 11.89 9.86 19.97
C ASP A 123 10.48 9.74 20.51
N ILE A 124 10.30 9.94 21.79
CA ILE A 124 8.94 9.83 22.33
C ILE A 124 7.97 10.81 21.67
N ALA A 125 6.74 10.38 21.40
CA ALA A 125 5.63 11.25 20.93
C ALA A 125 4.52 11.31 21.90
N GLU A 126 4.07 10.14 22.38
CA GLU A 126 2.97 10.09 23.36
C GLU A 126 3.08 8.80 24.11
N CYS A 127 2.40 8.81 25.22
CA CYS A 127 2.36 7.64 26.12
C CYS A 127 0.96 7.48 26.69
N SER A 128 0.34 6.32 26.50
CA SER A 128 -0.99 6.12 26.98
C SER A 128 -0.98 5.92 28.50
N PRO A 129 -2.13 6.09 29.14
CA PRO A 129 -2.34 5.46 30.47
C PRO A 129 -2.26 3.93 30.37
N ALA A 130 -2.19 3.27 31.51
CA ALA A 130 -2.17 1.82 31.50
C ALA A 130 -3.47 1.28 30.93
N VAL A 131 -3.33 0.38 29.97
CA VAL A 131 -4.50 -0.25 29.26
C VAL A 131 -4.42 -1.77 29.39
N CYS A 132 -5.59 -2.41 29.40
CA CYS A 132 -5.70 -3.80 29.75
C CYS A 132 -5.59 -4.65 28.52
N MET A 133 -4.85 -5.71 28.68
CA MET A 133 -4.56 -6.65 27.64
C MET A 133 -5.68 -7.62 27.30
N ASP A 134 -6.41 -8.10 28.33
CA ASP A 134 -7.46 -9.10 28.07
C ASP A 134 -8.17 -9.22 29.38
N PRO A 135 -9.05 -8.20 29.69
CA PRO A 135 -9.43 -7.98 31.04
C PRO A 135 -10.41 -9.03 31.58
N GLY A 136 -11.06 -9.83 30.74
CA GLY A 136 -11.87 -10.96 31.21
C GLY A 136 -11.05 -12.16 31.66
N LEU A 137 -9.77 -12.10 31.36
CA LEU A 137 -8.81 -13.20 31.63
C LEU A 137 -7.72 -12.86 32.69
N SER A 138 -7.12 -11.70 32.54
CA SER A 138 -5.92 -11.36 33.25
C SER A 138 -5.96 -9.93 33.73
N ASN A 139 -5.09 -9.63 34.67
CA ASN A 139 -4.92 -8.22 35.11
C ASN A 139 -3.82 -7.53 34.31
N CYS A 140 -3.32 -8.12 33.25
CA CYS A 140 -2.10 -7.59 32.61
C CYS A 140 -2.37 -6.31 31.91
N THR A 141 -1.44 -5.39 32.11
CA THR A 141 -1.57 -4.07 31.53
C THR A 141 -0.29 -3.62 30.86
N ILE A 142 -0.46 -2.68 29.89
CA ILE A 142 0.65 -2.02 29.22
C ILE A 142 0.40 -0.57 29.04
N HIS A 143 1.48 0.18 28.87
CA HIS A 143 1.42 1.52 28.25
C HIS A 143 1.67 1.35 26.78
N ILE A 144 0.84 1.97 25.96
CA ILE A 144 1.08 2.03 24.53
C ILE A 144 1.83 3.34 24.29
N VAL A 145 3.05 3.22 23.80
CA VAL A 145 3.97 4.37 23.62
C VAL A 145 4.23 4.61 22.16
N THR A 146 3.80 5.77 21.68
CA THR A 146 4.01 6.18 20.27
C THR A 146 5.34 6.84 20.23
N VAL A 147 6.17 6.40 19.30
CA VAL A 147 7.53 6.85 19.12
C VAL A 147 7.70 7.16 17.64
N THR A 148 8.31 8.28 17.30
CA THR A 148 8.75 8.52 15.94
C THR A 148 10.22 8.14 15.78
N ILE A 149 10.61 7.59 14.63
CA ILE A 149 11.93 7.26 14.35
C ILE A 149 12.39 8.16 13.19
N ASN A 150 13.41 9.00 13.44
CA ASN A 150 13.97 9.81 12.34
C ASN A 150 14.85 8.88 11.51
N GLY A 151 14.28 8.35 10.43
CA GLY A 151 15.05 7.47 9.64
C GLY A 151 16.07 8.17 8.74
N ASP A 152 16.10 9.50 8.70
CA ASP A 152 17.25 10.19 8.05
C ASP A 152 18.50 10.33 8.94
N ASP A 153 18.39 10.03 10.23
CA ASP A 153 19.54 10.15 11.14
C ASP A 153 20.50 8.99 10.89
N ALA A 154 21.80 9.26 10.87
CA ALA A 154 22.81 8.20 10.64
C ALA A 154 22.73 7.04 11.65
N GLU A 155 22.31 7.38 12.89
CA GLU A 155 22.06 6.40 13.96
C GLU A 155 21.09 5.30 13.52
N ASN A 156 20.12 5.67 12.69
CA ASN A 156 19.08 4.77 12.25
C ASN A 156 19.25 4.29 10.82
N ALA A 157 20.47 4.38 10.30
CA ALA A 157 20.78 4.01 8.91
C ALA A 157 20.86 2.51 8.74
N ARG A 158 21.70 1.86 9.53
CA ARG A 158 21.95 0.43 9.38
C ARG A 158 21.60 -0.30 10.69
N PRO A 159 20.41 -0.03 11.24
CA PRO A 159 20.07 -0.36 12.63
C PRO A 159 20.31 -1.84 12.96
N LYS A 160 21.08 -2.10 14.01
CA LYS A 160 21.40 -3.45 14.49
C LYS A 160 20.61 -3.77 15.77
N PRO A 161 19.72 -4.76 15.72
CA PRO A 161 19.10 -5.26 16.98
C PRO A 161 20.13 -5.62 18.11
N LYS A 162 19.76 -5.41 19.37
CA LYS A 162 20.50 -5.94 20.52
C LYS A 162 19.58 -6.85 21.33
N PRO A 163 19.21 -8.00 20.77
CA PRO A 163 18.30 -8.90 21.49
C PRO A 163 18.98 -9.45 22.76
N GLY A 164 18.24 -9.51 23.87
CA GLY A 164 18.71 -10.14 25.08
C GLY A 164 18.69 -11.64 24.90
N ASP A 165 19.09 -12.35 25.94
CA ASP A 165 19.23 -13.82 25.90
C ASP A 165 17.89 -14.47 25.54
N GLY A 166 17.86 -15.39 24.57
CA GLY A 166 16.61 -16.05 24.17
C GLY A 166 15.57 -15.18 23.41
N GLU A 167 15.96 -13.97 23.02
CA GLU A 167 15.12 -13.10 22.18
C GLU A 167 15.56 -13.31 20.76
N PHE A 168 14.61 -13.61 19.88
CA PHE A 168 14.89 -13.86 18.47
C PHE A 168 13.79 -13.14 17.66
N VAL A 169 14.13 -11.96 17.17
CA VAL A 169 13.18 -11.05 16.61
C VAL A 169 13.52 -10.63 15.17
N GLU A 170 12.54 -10.73 14.28
CA GLU A 170 12.65 -10.19 12.91
C GLU A 170 11.87 -8.88 12.82
N VAL A 171 12.44 -7.90 12.13
CA VAL A 171 11.80 -6.61 11.93
C VAL A 171 11.08 -6.55 10.60
N ILE A 172 9.84 -6.10 10.64
CA ILE A 172 9.04 -5.94 9.45
C ILE A 172 8.48 -4.54 9.48
N SER A 173 8.98 -3.71 8.59
CA SER A 173 8.47 -2.38 8.35
C SER A 173 7.49 -2.29 7.22
N LEU A 174 6.29 -1.79 7.50
CA LEU A 174 5.20 -1.69 6.51
C LEU A 174 4.62 -0.31 6.40
N PRO A 175 4.24 0.12 5.17
CA PRO A 175 3.65 1.46 5.07
C PRO A 175 2.39 1.64 5.71
N LYS A 176 2.34 2.70 6.51
CA LYS A 176 1.18 3.09 7.22
C LYS A 176 -0.06 3.22 6.34
N ASN A 177 0.16 3.76 5.13
CA ASN A 177 -0.92 4.00 4.20
C ASN A 177 -1.45 2.73 3.57
N ASP A 178 -0.85 1.58 3.85
CA ASP A 178 -1.43 0.33 3.30
C ASP A 178 -1.27 -0.78 4.33
N LEU A 179 -1.45 -0.44 5.63
CA LEU A 179 -0.99 -1.39 6.64
C LEU A 179 -1.85 -2.67 6.65
N LEU A 180 -3.16 -2.52 6.63
CA LEU A 180 -4.05 -3.64 6.75
C LEU A 180 -3.80 -4.60 5.54
N GLN A 181 -3.70 -4.05 4.34
CA GLN A 181 -3.55 -4.95 3.17
C GLN A 181 -2.23 -5.69 3.20
N ARG A 182 -1.20 -5.02 3.70
CA ARG A 182 0.07 -5.58 3.77
C ARG A 182 0.18 -6.67 4.82
N LEU A 183 -0.49 -6.48 5.95
CA LEU A 183 -0.66 -7.55 6.94
C LEU A 183 -1.42 -8.78 6.39
N ASP A 184 -2.47 -8.48 5.65
CA ASP A 184 -3.31 -9.54 5.01
C ASP A 184 -2.40 -10.32 4.07
N ALA A 185 -1.52 -9.67 3.32
CA ALA A 185 -0.68 -10.38 2.39
C ALA A 185 0.38 -11.23 3.08
N LEU A 186 0.90 -10.79 4.24
CA LEU A 186 1.78 -11.64 5.02
C LEU A 186 1.11 -12.88 5.59
N VAL A 187 -0.12 -12.71 6.08
CA VAL A 187 -0.91 -13.81 6.62
C VAL A 187 -1.28 -14.76 5.47
N ALA A 188 -1.58 -14.24 4.29
CA ALA A 188 -1.81 -15.14 3.11
C ALA A 188 -0.59 -16.04 2.79
N GLU A 189 0.64 -15.58 3.07
CA GLU A 189 1.86 -16.29 2.64
C GLU A 189 2.55 -17.32 3.57
N GLU A 190 2.14 -17.35 4.84
CA GLU A 190 2.59 -18.36 5.80
C GLU A 190 1.61 -18.43 6.98
N HIS A 191 1.79 -19.44 7.84
CA HIS A 191 1.05 -19.51 9.10
C HIS A 191 1.68 -18.53 10.06
N LEU A 192 0.93 -17.48 10.42
CA LEU A 192 1.45 -16.50 11.34
C LEU A 192 0.21 -15.83 11.86
N THR A 193 0.27 -15.31 13.05
CA THR A 193 -0.90 -14.66 13.60
C THR A 193 -0.56 -13.18 13.76
N VAL A 194 -1.45 -12.33 13.30
CA VAL A 194 -1.29 -10.91 13.63
C VAL A 194 -1.85 -10.67 15.01
N ASP A 195 -1.14 -9.86 15.78
CA ASP A 195 -1.64 -9.34 17.04
C ASP A 195 -2.85 -8.47 16.96
N ALA A 196 -3.76 -8.66 17.90
CA ALA A 196 -5.01 -7.88 17.93
C ALA A 196 -4.88 -6.38 18.07
N ARG A 197 -3.84 -5.92 18.73
CA ARG A 197 -3.62 -4.47 18.77
C ARG A 197 -3.11 -3.92 17.43
N VAL A 198 -2.19 -4.63 16.82
CA VAL A 198 -1.71 -4.30 15.45
C VAL A 198 -2.89 -4.28 14.49
N TYR A 199 -3.77 -5.28 14.62
CA TYR A 199 -4.89 -5.38 13.68
C TYR A 199 -5.89 -4.23 13.93
N SER A 200 -6.14 -3.87 15.17
CA SER A 200 -7.06 -2.79 15.54
C SER A 200 -6.54 -1.48 14.98
N TYR A 201 -5.25 -1.26 15.14
CA TYR A 201 -4.59 -0.08 14.57
C TYR A 201 -4.67 -0.03 13.06
N ALA A 202 -4.32 -1.11 12.39
CA ALA A 202 -4.45 -1.16 10.91
C ALA A 202 -5.92 -0.94 10.43
N LEU A 203 -6.87 -1.56 11.12
CA LEU A 203 -8.32 -1.36 10.79
C LEU A 203 -8.72 0.12 10.92
N ALA A 204 -8.29 0.81 12.01
CA ALA A 204 -8.62 2.23 12.18
C ALA A 204 -7.96 3.10 11.08
N LEU A 205 -6.75 2.76 10.68
CA LEU A 205 -6.09 3.48 9.57
C LEU A 205 -6.97 3.36 8.30
N LYS A 206 -7.52 2.18 8.06
CA LYS A 206 -8.49 1.99 6.95
C LYS A 206 -9.77 2.80 7.15
N HIS A 207 -10.38 2.72 8.35
CA HIS A 207 -11.69 3.35 8.62
C HIS A 207 -11.61 4.87 8.67
N ALA A 208 -10.43 5.46 8.88
CA ALA A 208 -10.34 6.89 8.90
C ALA A 208 -10.20 7.37 7.45
N LYS B 15 11.95 -22.50 12.08
CA LYS B 15 13.14 -22.87 12.88
C LYS B 15 12.64 -23.21 14.30
N GLN B 16 11.74 -22.42 14.92
CA GLN B 16 11.30 -22.75 16.28
C GLN B 16 9.99 -23.56 16.34
N TYR B 17 9.82 -24.31 17.40
CA TYR B 17 8.67 -25.16 17.54
C TYR B 17 8.55 -25.69 18.97
N ILE B 18 7.35 -26.20 19.22
CA ILE B 18 6.98 -26.72 20.49
C ILE B 18 7.45 -28.18 20.52
N ILE B 19 8.08 -28.55 21.62
CA ILE B 19 8.51 -29.92 21.88
C ILE B 19 7.38 -30.61 22.67
N SER B 20 7.04 -30.07 23.84
CA SER B 20 5.94 -30.58 24.68
C SER B 20 5.31 -29.53 25.59
N GLU B 21 4.14 -29.89 26.15
CA GLU B 21 3.40 -29.03 27.05
C GLU B 21 3.05 -29.86 28.26
N GLU B 22 3.44 -29.38 29.43
CA GLU B 22 3.11 -29.96 30.71
C GLU B 22 2.02 -29.18 31.40
N LEU B 23 0.91 -29.83 31.73
CA LEU B 23 -0.10 -29.17 32.58
C LEU B 23 0.40 -28.79 33.99
N ILE B 24 0.24 -27.55 34.39
CA ILE B 24 0.61 -27.11 35.75
C ILE B 24 -0.63 -27.08 36.64
N SER B 25 -1.71 -26.51 36.13
CA SER B 25 -2.96 -26.42 36.88
C SER B 25 -4.08 -26.14 35.87
N GLU B 26 -5.19 -26.84 36.03
CA GLU B 26 -6.36 -26.66 35.20
C GLU B 26 -7.51 -26.29 36.07
N GLY B 27 -8.10 -25.13 35.78
CA GLY B 27 -9.27 -24.69 36.48
C GLY B 27 -10.46 -25.10 35.63
N LYS B 28 -11.58 -24.46 35.93
CA LYS B 28 -12.79 -24.65 35.16
C LYS B 28 -12.68 -23.95 33.82
N TRP B 29 -12.14 -22.73 33.81
CA TRP B 29 -12.15 -21.87 32.62
C TRP B 29 -10.77 -21.58 32.01
N VAL B 30 -9.72 -21.76 32.80
CA VAL B 30 -8.33 -21.43 32.43
C VAL B 30 -7.43 -22.53 32.92
N LYS B 31 -6.36 -22.78 32.18
CA LYS B 31 -5.27 -23.68 32.59
C LYS B 31 -3.90 -23.03 32.37
N LEU B 32 -2.92 -23.48 33.13
CA LEU B 32 -1.58 -23.00 33.12
C LEU B 32 -0.71 -24.15 32.73
N GLU B 33 0.12 -23.95 31.72
CA GLU B 33 1.03 -24.99 31.20
C GLU B 33 2.47 -24.57 31.21
N LYS B 34 3.35 -25.56 31.16
CA LYS B 34 4.77 -25.34 31.01
C LYS B 34 5.09 -25.85 29.63
N THR B 35 5.55 -24.94 28.79
CA THR B 35 5.80 -25.20 27.39
C THR B 35 7.29 -25.40 27.19
N THR B 36 7.64 -26.54 26.61
CA THR B 36 9.00 -26.73 26.18
C THR B 36 9.17 -26.52 24.65
N TYR B 37 10.11 -25.67 24.25
CA TYR B 37 10.29 -25.29 22.83
C TYR B 37 11.77 -25.28 22.44
N MET B 38 12.02 -25.43 21.14
CA MET B 38 13.34 -25.32 20.59
C MET B 38 13.56 -23.91 20.10
N ASP B 39 14.55 -23.25 20.67
CA ASP B 39 15.00 -21.95 20.21
C ASP B 39 15.74 -22.06 18.85
N PRO B 40 15.96 -20.94 18.16
CA PRO B 40 16.49 -21.07 16.80
C PRO B 40 17.91 -21.66 16.72
N THR B 41 18.66 -21.59 17.82
CA THR B 41 20.00 -22.15 17.90
C THR B 41 20.08 -23.65 18.18
N GLY B 42 18.97 -24.34 18.41
CA GLY B 42 18.97 -25.77 18.85
C GLY B 42 19.08 -25.98 20.38
N LYS B 43 18.82 -24.93 21.17
CA LYS B 43 18.81 -25.00 22.64
C LYS B 43 17.35 -25.06 23.08
N THR B 44 17.06 -26.03 23.94
CA THR B 44 15.71 -26.23 24.48
C THR B 44 15.45 -25.24 25.60
N ARG B 45 14.23 -24.68 25.65
CA ARG B 45 13.88 -23.59 26.63
C ARG B 45 12.46 -23.82 27.06
N THR B 46 12.07 -23.18 28.17
CA THR B 46 10.73 -23.32 28.68
C THR B 46 10.01 -21.96 28.76
N TRP B 47 8.69 -22.05 28.71
CA TRP B 47 7.84 -20.87 28.80
C TRP B 47 6.66 -21.26 29.67
N GLU B 48 6.05 -20.29 30.35
CA GLU B 48 4.81 -20.54 31.07
C GLU B 48 3.69 -19.90 30.26
N SER B 49 2.67 -20.70 29.97
CA SER B 49 1.64 -20.34 29.06
C SER B 49 0.26 -20.55 29.68
N VAL B 50 -0.67 -19.64 29.32
CA VAL B 50 -2.06 -19.68 29.80
C VAL B 50 -2.90 -20.11 28.60
N LYS B 51 -3.85 -21.03 28.77
CA LYS B 51 -4.88 -21.29 27.79
C LYS B 51 -6.31 -21.34 28.40
N ARG B 52 -7.31 -21.02 27.59
CA ARG B 52 -8.70 -21.27 28.00
C ARG B 52 -9.03 -22.75 27.84
N THR B 53 -9.92 -23.27 28.66
CA THR B 53 -10.37 -24.67 28.53
C THR B 53 -11.63 -24.79 27.66
N THR B 54 -12.17 -23.65 27.22
CA THR B 54 -13.45 -23.54 26.51
C THR B 54 -13.35 -23.65 24.97
N ARG B 55 -12.17 -23.58 24.38
CA ARG B 55 -12.09 -23.54 22.91
C ARG B 55 -12.41 -24.88 22.26
N LYS B 56 -13.01 -24.87 21.06
CA LYS B 56 -13.02 -26.05 20.13
C LYS B 56 -11.75 -25.97 19.25
N GLN B 58 -13.10 -24.58 16.62
CA GLN B 58 -13.34 -23.16 16.42
C GLN B 58 -12.18 -22.39 15.87
N THR B 59 -12.54 -21.29 15.20
CA THR B 59 -11.62 -20.33 14.58
C THR B 59 -10.78 -19.59 15.62
N ALA B 60 -11.30 -19.48 16.85
CA ALA B 60 -10.82 -18.51 17.86
C ALA B 60 -11.63 -18.66 19.13
N ASP B 61 -11.09 -18.19 20.24
CA ASP B 61 -11.80 -18.27 21.49
C ASP B 61 -13.05 -17.40 21.43
N GLY B 62 -12.91 -16.22 20.83
CA GLY B 62 -13.85 -15.09 20.99
C GLY B 62 -13.99 -14.18 19.76
N VAL B 63 -14.89 -13.22 19.92
CA VAL B 63 -15.04 -12.11 19.01
C VAL B 63 -15.00 -10.83 19.79
N ALA B 64 -14.56 -9.77 19.13
CA ALA B 64 -14.69 -8.43 19.60
C ALA B 64 -15.33 -7.64 18.45
N VAL B 65 -16.28 -6.81 18.75
CA VAL B 65 -17.06 -6.16 17.72
C VAL B 65 -16.67 -4.66 17.73
N ILE B 66 -16.32 -4.13 16.58
CA ILE B 66 -16.22 -2.70 16.41
C ILE B 66 -17.54 -2.15 15.82
N PRO B 67 -18.38 -1.53 16.69
CA PRO B 67 -19.73 -1.15 16.23
C PRO B 67 -19.78 0.33 15.90
N VAL B 68 -20.03 0.62 14.64
CA VAL B 68 -20.02 1.93 14.08
C VAL B 68 -21.51 2.32 13.97
N LEU B 69 -21.94 3.14 14.92
CA LEU B 69 -23.31 3.67 14.97
C LEU B 69 -23.47 4.89 14.09
N GLN B 70 -24.34 4.75 13.12
CA GLN B 70 -24.50 5.72 12.03
C GLN B 70 -25.92 6.29 12.06
N ARG B 71 -26.05 7.57 12.39
CA ARG B 71 -27.33 8.27 12.47
C ARG B 71 -27.15 9.50 11.66
N THR B 72 -28.07 9.71 10.73
CA THR B 72 -27.97 10.89 9.90
C THR B 72 -28.04 12.18 10.76
N LEU B 73 -27.28 13.19 10.32
CA LEU B 73 -27.09 14.44 11.01
C LEU B 73 -26.48 14.35 12.38
N HIS B 74 -25.75 13.24 12.63
CA HIS B 74 -25.02 13.04 13.93
C HIS B 74 -23.64 12.62 13.58
N TYR B 75 -22.73 12.82 14.51
CA TYR B 75 -21.44 12.24 14.38
C TYR B 75 -21.58 10.74 14.45
N GLU B 76 -20.78 10.07 13.65
CA GLU B 76 -20.61 8.64 13.70
C GLU B 76 -20.00 8.30 15.07
N CYS B 77 -20.59 7.31 15.76
CA CYS B 77 -20.04 6.86 17.05
C CYS B 77 -19.55 5.39 17.00
N ILE B 78 -18.65 5.14 17.94
CA ILE B 78 -18.19 3.82 18.20
C ILE B 78 -18.85 3.43 19.50
N VAL B 79 -19.49 2.28 19.48
CA VAL B 79 -20.26 1.84 20.65
C VAL B 79 -19.39 0.92 21.52
N LEU B 80 -19.17 1.32 22.74
CA LEU B 80 -18.33 0.61 23.69
C LEU B 80 -19.15 0.16 24.93
N VAL B 81 -18.56 -0.72 25.71
CA VAL B 81 -19.20 -1.22 26.89
C VAL B 81 -18.31 -1.07 28.06
N LYS B 82 -18.92 -0.80 29.22
CA LYS B 82 -18.20 -0.66 30.49
C LYS B 82 -18.66 -1.74 31.46
N GLN B 83 -17.73 -2.50 32.04
CA GLN B 83 -18.08 -3.67 32.90
C GLN B 83 -17.04 -3.82 33.98
N PHE B 84 -17.48 -4.38 35.12
CA PHE B 84 -16.56 -4.73 36.16
C PHE B 84 -15.86 -5.97 35.63
N ARG B 85 -14.53 -6.00 35.79
CA ARG B 85 -13.74 -7.17 35.30
C ARG B 85 -12.95 -7.73 36.45
N PRO B 86 -13.36 -8.91 36.97
CA PRO B 86 -12.75 -9.44 38.20
C PRO B 86 -11.22 -9.61 38.13
N PRO B 87 -10.67 -10.05 36.98
CA PRO B 87 -9.19 -10.07 36.93
C PRO B 87 -8.56 -8.73 37.13
N MET B 88 -9.22 -7.65 36.69
CA MET B 88 -8.65 -6.33 36.83
C MET B 88 -8.93 -5.67 38.18
N GLY B 89 -9.95 -6.16 38.93
CA GLY B 89 -10.38 -5.56 40.18
C GLY B 89 -11.09 -4.25 39.98
N GLY B 90 -11.58 -3.98 38.78
CA GLY B 90 -12.17 -2.68 38.48
C GLY B 90 -12.93 -2.68 37.17
N TYR B 91 -13.38 -1.50 36.78
CA TYR B 91 -14.21 -1.31 35.58
C TYR B 91 -13.28 -1.01 34.39
N CYS B 92 -13.66 -1.56 33.25
CA CYS B 92 -12.95 -1.49 31.99
C CYS B 92 -13.88 -1.05 30.89
N ILE B 93 -13.33 -0.32 29.94
CA ILE B 93 -14.05 0.13 28.75
C ILE B 93 -13.48 -0.67 27.57
N GLU B 94 -14.36 -1.36 26.88
CA GLU B 94 -14.06 -2.32 25.85
C GLU B 94 -15.03 -2.32 24.67
N PHE B 95 -14.60 -2.94 23.58
CA PHE B 95 -15.48 -3.28 22.48
C PHE B 95 -16.42 -4.35 23.04
N PRO B 96 -17.64 -4.39 22.57
CA PRO B 96 -18.45 -5.55 22.92
C PRO B 96 -17.84 -6.84 22.42
N ALA B 97 -18.03 -7.91 23.22
CA ALA B 97 -17.24 -9.09 23.06
C ALA B 97 -17.77 -10.24 23.88
N GLY B 98 -17.56 -11.42 23.31
CA GLY B 98 -17.73 -12.68 24.06
C GLY B 98 -17.15 -13.85 23.29
N LEU B 99 -17.19 -15.00 23.95
CA LEU B 99 -16.78 -16.25 23.38
C LEU B 99 -17.71 -16.75 22.29
N ILE B 100 -17.14 -17.46 21.33
CA ILE B 100 -17.86 -18.06 20.22
C ILE B 100 -18.46 -19.39 20.70
N ASP B 101 -19.79 -19.53 20.56
CA ASP B 101 -20.47 -20.82 20.90
C ASP B 101 -20.01 -21.94 19.97
N ASP B 102 -19.97 -23.19 20.47
CA ASP B 102 -19.58 -24.36 19.60
C ASP B 102 -20.53 -24.41 18.38
N GLY B 103 -19.95 -24.41 17.18
CA GLY B 103 -20.70 -24.38 15.94
C GLY B 103 -21.29 -23.04 15.49
N GLU B 104 -20.94 -21.97 16.18
CA GLU B 104 -21.31 -20.61 15.76
C GLU B 104 -20.16 -20.05 14.90
N THR B 105 -20.48 -19.40 13.81
CA THR B 105 -19.50 -18.65 13.02
C THR B 105 -19.09 -17.35 13.75
N PRO B 106 -17.91 -16.81 13.40
CA PRO B 106 -17.53 -15.55 14.10
C PRO B 106 -18.46 -14.38 13.81
N GLU B 107 -18.95 -14.30 12.57
CA GLU B 107 -19.92 -13.24 12.20
C GLU B 107 -21.19 -13.32 13.05
N ALA B 108 -21.68 -14.52 13.25
CA ALA B 108 -22.91 -14.73 13.97
C ALA B 108 -22.70 -14.42 15.44
N ALA B 109 -21.54 -14.79 15.96
CA ALA B 109 -21.23 -14.48 17.37
C ALA B 109 -21.18 -12.98 17.61
N ALA B 110 -20.70 -12.24 16.63
CA ALA B 110 -20.55 -10.76 16.74
C ALA B 110 -21.91 -10.07 16.80
N LEU B 111 -22.80 -10.51 15.92
CA LEU B 111 -24.15 -9.93 15.92
C LEU B 111 -24.89 -10.32 17.15
N ARG B 112 -24.69 -11.55 17.63
CA ARG B 112 -25.34 -11.97 18.85
C ARG B 112 -24.78 -11.20 20.04
N GLU B 113 -23.44 -11.17 20.21
CA GLU B 113 -22.91 -10.43 21.35
C GLU B 113 -23.25 -8.94 21.33
N LEU B 114 -23.22 -8.33 20.17
CA LEU B 114 -23.54 -6.93 20.05
C LEU B 114 -24.98 -6.68 20.54
N GLU B 115 -25.91 -7.53 20.14
CA GLU B 115 -27.29 -7.37 20.62
C GLU B 115 -27.47 -7.60 22.10
N GLU B 116 -26.90 -8.69 22.63
CA GLU B 116 -26.99 -8.98 24.06
C GLU B 116 -26.39 -7.87 24.93
N GLU B 117 -25.25 -7.33 24.50
CA GLU B 117 -24.53 -6.38 25.34
C GLU B 117 -25.02 -4.92 25.15
N THR B 118 -25.43 -4.59 23.93
CA THR B 118 -25.84 -3.20 23.59
C THR B 118 -27.33 -3.02 23.24
N GLY B 119 -27.97 -4.13 22.85
CA GLY B 119 -29.27 -4.10 22.18
C GLY B 119 -29.30 -3.65 20.75
N TYR B 120 -28.21 -3.13 20.19
CA TYR B 120 -28.18 -2.82 18.76
C TYR B 120 -28.15 -4.02 17.84
N LYS B 121 -28.81 -3.87 16.70
CA LYS B 121 -28.83 -4.86 15.61
C LYS B 121 -28.06 -4.31 14.45
N GLY B 122 -26.98 -5.00 14.06
CA GLY B 122 -26.07 -4.42 13.13
C GLY B 122 -25.90 -5.31 11.92
N ASP B 123 -25.09 -4.83 11.01
CA ASP B 123 -24.73 -5.53 9.79
C ASP B 123 -23.25 -5.69 9.77
N ILE B 124 -22.79 -6.84 9.27
CA ILE B 124 -21.36 -7.14 9.11
C ILE B 124 -20.69 -6.37 7.99
N ALA B 125 -19.61 -5.64 8.32
CA ALA B 125 -18.90 -4.90 7.33
C ALA B 125 -17.69 -5.75 6.87
N GLU B 126 -16.94 -6.28 7.82
CA GLU B 126 -15.73 -7.07 7.54
C GLU B 126 -15.37 -7.89 8.80
N CYS B 127 -14.48 -8.88 8.66
CA CYS B 127 -14.18 -9.83 9.74
C CYS B 127 -12.71 -10.20 9.59
N SER B 128 -11.97 -10.03 10.67
CA SER B 128 -10.55 -10.30 10.64
C SER B 128 -10.30 -11.81 10.65
N PRO B 129 -9.10 -12.25 10.27
CA PRO B 129 -8.63 -13.54 10.72
C PRO B 129 -8.41 -13.61 12.22
N ALA B 130 -8.14 -14.81 12.71
CA ALA B 130 -7.95 -14.97 14.16
C ALA B 130 -6.70 -14.13 14.49
N VAL B 131 -6.85 -13.26 15.48
CA VAL B 131 -5.73 -12.41 15.97
C VAL B 131 -5.45 -12.70 17.43
N CYS B 132 -4.17 -12.60 17.84
CA CYS B 132 -3.84 -12.92 19.21
C CYS B 132 -4.03 -11.80 20.26
N MET B 133 -4.44 -12.20 21.44
CA MET B 133 -4.74 -11.23 22.51
C MET B 133 -3.49 -10.78 23.28
N ASP B 134 -2.66 -11.74 23.68
CA ASP B 134 -1.48 -11.43 24.46
C ASP B 134 -0.49 -12.60 24.25
N PRO B 135 0.22 -12.62 23.09
CA PRO B 135 0.82 -13.93 22.67
C PRO B 135 2.02 -14.35 23.52
N GLY B 136 2.58 -13.42 24.33
CA GLY B 136 3.67 -13.78 25.26
C GLY B 136 3.15 -14.50 26.51
N LEU B 137 1.85 -14.45 26.67
CA LEU B 137 1.23 -14.97 27.89
C LEU B 137 0.33 -16.13 27.54
N SER B 138 -0.61 -15.93 26.60
CA SER B 138 -1.67 -16.89 26.39
C SER B 138 -1.78 -17.30 24.94
N ASN B 139 -2.54 -18.36 24.68
CA ASN B 139 -2.90 -18.67 23.27
C ASN B 139 -4.19 -18.01 22.80
N CYS B 140 -4.76 -17.09 23.59
CA CYS B 140 -6.12 -16.59 23.31
C CYS B 140 -6.16 -15.80 22.04
N THR B 141 -7.16 -16.11 21.21
CA THR B 141 -7.41 -15.39 20.03
C THR B 141 -8.84 -14.98 19.87
N ILE B 142 -9.05 -13.93 19.06
CA ILE B 142 -10.37 -13.46 18.71
C ILE B 142 -10.49 -13.14 17.26
N HIS B 143 -11.71 -13.02 16.75
CA HIS B 143 -11.88 -12.35 15.48
C HIS B 143 -12.42 -10.94 15.77
N ILE B 144 -11.81 -9.93 15.16
CA ILE B 144 -12.29 -8.56 15.17
C ILE B 144 -13.29 -8.38 13.99
N VAL B 145 -14.51 -8.02 14.36
CA VAL B 145 -15.65 -7.85 13.46
C VAL B 145 -16.20 -6.43 13.52
N THR B 146 -16.07 -5.75 12.38
CA THR B 146 -16.53 -4.42 12.16
C THR B 146 -17.98 -4.58 11.72
N VAL B 147 -18.84 -3.87 12.41
CA VAL B 147 -20.28 -3.94 12.19
C VAL B 147 -20.76 -2.53 12.14
N THR B 148 -21.65 -2.23 11.21
CA THR B 148 -22.33 -0.92 11.18
C THR B 148 -23.73 -1.06 11.77
N ILE B 149 -24.23 -0.03 12.42
CA ILE B 149 -25.54 -0.04 13.05
C ILE B 149 -26.31 1.12 12.45
N ASN B 150 -27.37 0.79 11.70
CA ASN B 150 -28.16 1.86 11.13
C ASN B 150 -29.05 2.39 12.25
N GLY B 151 -28.57 3.49 12.84
CA GLY B 151 -29.14 4.01 14.03
C GLY B 151 -30.49 4.71 13.74
N ASP B 152 -30.86 4.85 12.48
CA ASP B 152 -32.13 5.49 12.13
C ASP B 152 -33.24 4.46 11.92
N ASP B 153 -32.94 3.15 12.02
CA ASP B 153 -33.95 2.09 11.85
C ASP B 153 -34.75 1.97 13.12
N ALA B 154 -36.00 1.58 12.97
CA ALA B 154 -36.88 1.43 14.10
C ALA B 154 -36.33 0.44 15.14
N GLU B 155 -35.66 -0.61 14.68
CA GLU B 155 -35.21 -1.68 15.56
C GLU B 155 -34.07 -1.22 16.51
N ASN B 156 -33.36 -0.16 16.11
CA ASN B 156 -32.29 0.50 16.89
C ASN B 156 -32.74 1.81 17.57
N ALA B 157 -34.04 2.10 17.52
CA ALA B 157 -34.56 3.29 18.21
C ALA B 157 -34.43 3.18 19.73
N ARG B 158 -34.95 2.09 20.27
CA ARG B 158 -34.87 1.82 21.70
C ARG B 158 -34.11 0.52 21.80
N PRO B 159 -32.75 0.61 21.84
CA PRO B 159 -31.97 -0.64 21.88
C PRO B 159 -32.25 -1.48 23.13
N LYS B 160 -32.84 -2.66 22.96
CA LYS B 160 -33.11 -3.58 24.05
C LYS B 160 -31.91 -4.54 24.34
N PRO B 161 -31.06 -4.27 25.37
CA PRO B 161 -29.94 -5.22 25.68
C PRO B 161 -30.45 -6.51 26.32
N LYS B 162 -30.00 -7.67 25.83
CA LYS B 162 -30.33 -8.98 26.45
C LYS B 162 -29.14 -9.60 27.26
N PRO B 163 -28.77 -9.00 28.41
CA PRO B 163 -27.69 -9.58 29.20
C PRO B 163 -27.98 -10.98 29.74
N GLY B 164 -27.15 -11.96 29.37
CA GLY B 164 -27.19 -13.30 29.97
C GLY B 164 -26.88 -13.27 31.48
N ASP B 165 -26.89 -14.45 32.10
CA ASP B 165 -26.62 -14.54 33.53
C ASP B 165 -25.25 -13.98 33.92
N GLY B 166 -25.25 -13.19 35.00
CA GLY B 166 -24.04 -12.56 35.55
C GLY B 166 -23.35 -11.45 34.74
N GLU B 167 -23.89 -11.05 33.59
CA GLU B 167 -23.35 -9.96 32.80
C GLU B 167 -24.05 -8.68 33.19
N PHE B 168 -23.27 -7.62 33.38
CA PHE B 168 -23.80 -6.33 33.81
C PHE B 168 -23.03 -5.26 33.05
N VAL B 169 -23.64 -4.79 31.97
CA VAL B 169 -22.96 -4.05 30.94
C VAL B 169 -23.56 -2.67 30.75
N GLU B 170 -22.73 -1.61 30.87
CA GLU B 170 -23.14 -0.23 30.55
C GLU B 170 -22.70 0.11 29.12
N VAL B 171 -23.54 0.81 28.36
CA VAL B 171 -23.19 1.09 26.96
C VAL B 171 -22.66 2.53 26.93
N ILE B 172 -21.55 2.77 26.25
CA ILE B 172 -21.04 4.14 26.09
C ILE B 172 -20.71 4.32 24.63
N SER B 173 -21.44 5.25 23.99
CA SER B 173 -21.17 5.64 22.63
C SER B 173 -20.37 6.91 22.53
N LEU B 174 -19.26 6.83 21.84
CA LEU B 174 -18.37 7.96 21.73
C LEU B 174 -18.19 8.30 20.30
N PRO B 175 -18.05 9.61 20.00
CA PRO B 175 -17.80 9.95 18.61
C PRO B 175 -16.49 9.40 18.02
N LYS B 176 -16.59 8.75 16.88
CA LYS B 176 -15.40 8.25 16.18
C LYS B 176 -14.32 9.34 15.90
N ASN B 177 -14.74 10.50 15.39
CA ASN B 177 -13.78 11.57 15.07
C ASN B 177 -12.97 12.18 16.25
N ASP B 178 -13.23 11.84 17.52
CA ASP B 178 -12.51 12.40 18.69
C ASP B 178 -12.31 11.30 19.73
N LEU B 179 -12.29 10.04 19.25
CA LEU B 179 -12.40 8.89 20.14
C LEU B 179 -11.33 8.94 21.21
N LEU B 180 -10.10 9.17 20.80
CA LEU B 180 -8.97 9.11 21.71
C LEU B 180 -9.09 10.16 22.86
N GLN B 181 -9.37 11.44 22.52
CA GLN B 181 -9.60 12.51 23.54
C GLN B 181 -10.79 12.15 24.47
N ARG B 182 -11.86 11.57 23.89
CA ARG B 182 -12.99 11.16 24.73
C ARG B 182 -12.64 10.05 25.72
N LEU B 183 -11.80 9.09 25.31
CA LEU B 183 -11.44 8.01 26.17
C LEU B 183 -10.54 8.55 27.28
N ASP B 184 -9.55 9.32 26.86
CA ASP B 184 -8.57 9.95 27.81
C ASP B 184 -9.40 10.73 28.88
N ALA B 185 -10.46 11.39 28.44
CA ALA B 185 -11.30 12.13 29.38
C ALA B 185 -12.06 11.22 30.36
N LEU B 186 -12.57 10.06 29.90
CA LEU B 186 -13.19 9.13 30.83
C LEU B 186 -12.23 8.57 31.85
N VAL B 187 -11.01 8.26 31.41
CA VAL B 187 -9.96 7.79 32.28
C VAL B 187 -9.62 8.82 33.37
N ALA B 188 -9.45 10.09 32.98
CA ALA B 188 -9.20 11.20 33.94
C ALA B 188 -10.29 11.36 35.01
N GLU B 189 -11.53 11.19 34.63
CA GLU B 189 -12.66 11.58 35.44
C GLU B 189 -13.20 10.42 36.28
N GLU B 190 -13.24 9.24 35.69
CA GLU B 190 -14.09 8.15 36.16
C GLU B 190 -13.33 6.94 36.73
N HIS B 191 -11.98 6.96 36.71
CA HIS B 191 -11.10 5.84 37.17
C HIS B 191 -11.37 4.42 36.61
N LEU B 192 -11.12 4.31 35.32
CA LEU B 192 -11.38 3.16 34.49
C LEU B 192 -10.09 2.76 33.75
N THR B 193 -10.08 1.54 33.26
CA THR B 193 -9.02 1.08 32.36
C THR B 193 -9.64 0.85 30.97
N VAL B 194 -9.11 1.59 30.01
CA VAL B 194 -9.42 1.37 28.63
C VAL B 194 -8.70 0.14 28.12
N ASP B 195 -9.40 -0.65 27.34
CA ASP B 195 -8.85 -1.77 26.64
C ASP B 195 -7.80 -1.47 25.59
N ALA B 196 -6.76 -2.30 25.51
CA ALA B 196 -5.66 -2.02 24.61
C ALA B 196 -6.03 -1.99 23.13
N ARG B 197 -7.02 -2.82 22.74
CA ARG B 197 -7.50 -2.79 21.39
C ARG B 197 -8.28 -1.50 21.09
N VAL B 198 -9.18 -1.14 22.00
CA VAL B 198 -9.93 0.14 21.93
C VAL B 198 -8.91 1.29 21.81
N TYR B 199 -7.87 1.28 22.63
CA TYR B 199 -6.90 2.36 22.61
C TYR B 199 -6.14 2.39 21.27
N SER B 200 -5.67 1.25 20.82
CA SER B 200 -4.94 1.16 19.61
C SER B 200 -5.75 1.69 18.43
N TYR B 201 -7.01 1.29 18.35
CA TYR B 201 -7.96 1.80 17.32
C TYR B 201 -8.05 3.34 17.39
N ALA B 202 -8.22 3.84 18.60
CA ALA B 202 -8.40 5.27 18.81
C ALA B 202 -7.15 6.02 18.36
N LEU B 203 -5.99 5.51 18.77
CA LEU B 203 -4.72 6.10 18.32
C LEU B 203 -4.62 6.20 16.83
N ALA B 204 -4.85 5.08 16.13
CA ALA B 204 -4.72 5.07 14.66
C ALA B 204 -5.68 6.03 13.96
N LEU B 205 -6.89 6.19 14.50
CA LEU B 205 -7.83 7.25 13.98
C LEU B 205 -7.16 8.61 13.95
N LYS B 206 -6.47 8.93 15.04
CA LYS B 206 -5.69 10.19 15.08
C LYS B 206 -4.46 10.18 14.23
N HIS B 207 -3.69 9.09 14.26
CA HIS B 207 -2.47 8.99 13.43
C HIS B 207 -2.65 8.90 11.87
N ALA B 208 -3.86 8.54 11.42
CA ALA B 208 -4.15 8.44 10.00
C ALA B 208 -3.92 9.79 9.31
N ASN B 209 -3.39 9.70 8.11
CA ASN B 209 -3.34 10.79 7.11
C ASN B 209 -2.64 12.08 7.62
N GLN C 16 15.30 18.41 -3.90
CA GLN C 16 14.75 19.39 -4.89
C GLN C 16 13.25 19.58 -4.65
N TYR C 17 12.72 20.76 -4.93
CA TYR C 17 11.31 21.02 -4.73
C TYR C 17 10.79 22.18 -5.57
N ILE C 18 9.46 22.22 -5.71
CA ILE C 18 8.77 23.22 -6.51
C ILE C 18 8.56 24.46 -5.64
N ILE C 19 8.97 25.62 -6.17
CA ILE C 19 8.80 26.94 -5.53
C ILE C 19 7.55 27.66 -6.05
N SER C 20 7.36 27.70 -7.36
CA SER C 20 6.24 28.41 -7.94
C SER C 20 5.90 27.86 -9.33
N GLU C 21 4.60 27.81 -9.61
CA GLU C 21 4.05 27.43 -10.92
C GLU C 21 3.26 28.66 -11.39
N GLU C 22 3.81 29.33 -12.41
CA GLU C 22 3.29 30.58 -12.95
C GLU C 22 2.54 30.31 -14.27
N LEU C 23 1.21 30.53 -14.29
CA LEU C 23 0.38 30.26 -15.47
C LEU C 23 0.76 31.09 -16.72
N ILE C 24 1.23 30.45 -17.81
CA ILE C 24 1.56 31.12 -19.11
C ILE C 24 0.48 31.13 -20.20
N SER C 25 -0.42 30.14 -20.21
CA SER C 25 -1.68 30.16 -20.99
C SER C 25 -2.50 28.92 -20.66
N GLU C 26 -3.81 29.05 -20.68
CA GLU C 26 -4.73 27.99 -20.29
C GLU C 26 -5.90 27.98 -21.25
N GLY C 27 -6.06 26.86 -21.96
CA GLY C 27 -7.19 26.64 -22.87
C GLY C 27 -8.22 25.78 -22.18
N LYS C 28 -9.20 25.29 -22.92
CA LYS C 28 -10.21 24.36 -22.37
C LYS C 28 -9.68 22.99 -21.87
N TRP C 29 -8.62 22.49 -22.53
CA TRP C 29 -8.11 21.14 -22.29
C TRP C 29 -6.69 21.05 -21.75
N VAL C 30 -5.85 22.03 -22.03
CA VAL C 30 -4.42 22.02 -21.59
C VAL C 30 -3.92 23.41 -21.15
N LYS C 31 -2.83 23.47 -20.36
CA LYS C 31 -2.21 24.74 -19.97
C LYS C 31 -0.72 24.65 -19.90
N LEU C 32 -0.04 25.77 -20.16
CA LEU C 32 1.41 25.87 -20.07
C LEU C 32 1.75 26.66 -18.78
N GLU C 33 2.89 26.39 -18.13
CA GLU C 33 3.29 27.07 -16.89
C GLU C 33 4.78 27.29 -16.86
N LYS C 34 5.22 28.35 -16.20
CA LYS C 34 6.64 28.50 -15.82
C LYS C 34 6.75 27.86 -14.43
N THR C 35 7.65 26.89 -14.29
CA THR C 35 7.87 26.16 -13.06
C THR C 35 9.16 26.75 -12.56
N THR C 36 9.29 27.00 -11.26
CA THR C 36 10.58 27.43 -10.72
C THR C 36 10.85 26.56 -9.50
N TYR C 37 12.09 26.12 -9.34
CA TYR C 37 12.45 24.96 -8.51
C TYR C 37 13.89 25.09 -7.95
N MET C 38 14.13 24.55 -6.75
CA MET C 38 15.47 24.55 -6.14
C MET C 38 16.16 23.30 -6.56
N ASP C 39 17.33 23.44 -7.16
CA ASP C 39 18.16 22.28 -7.50
C ASP C 39 18.77 21.75 -6.23
N PRO C 40 19.53 20.63 -6.36
CA PRO C 40 20.19 19.92 -5.27
C PRO C 40 21.37 20.74 -4.63
N THR C 41 22.13 21.47 -5.43
CA THR C 41 23.20 22.38 -4.91
C THR C 41 22.63 23.59 -4.12
N GLY C 42 21.40 24.02 -4.45
CA GLY C 42 20.77 25.19 -3.83
C GLY C 42 20.40 26.31 -4.80
N LYS C 43 20.85 26.21 -6.06
CA LYS C 43 20.44 27.14 -7.11
C LYS C 43 18.97 26.99 -7.49
N THR C 44 18.21 28.06 -7.24
CA THR C 44 16.95 28.38 -7.93
C THR C 44 17.13 28.22 -9.48
N ARG C 45 16.20 27.53 -10.14
CA ARG C 45 16.28 27.27 -11.60
C ARG C 45 14.89 27.26 -12.15
N THR C 46 14.73 27.16 -13.47
CA THR C 46 13.42 27.23 -14.11
C THR C 46 13.13 26.20 -15.26
N TRP C 47 11.86 26.08 -15.63
CA TRP C 47 11.35 25.01 -16.56
C TRP C 47 9.96 25.38 -17.09
N GLU C 48 9.62 24.89 -18.29
CA GLU C 48 8.26 25.04 -18.83
C GLU C 48 7.48 23.71 -18.77
N SER C 49 6.30 23.76 -18.18
CA SER C 49 5.51 22.55 -17.82
C SER C 49 4.13 22.58 -18.44
N VAL C 50 3.70 21.42 -18.93
CA VAL C 50 2.38 21.26 -19.45
C VAL C 50 1.53 20.45 -18.48
N LYS C 51 0.27 20.86 -18.31
CA LYS C 51 -0.71 20.15 -17.49
C LYS C 51 -2.06 20.16 -18.21
N ARG C 52 -2.82 19.08 -18.08
CA ARG C 52 -4.19 19.01 -18.63
C ARG C 52 -5.05 19.72 -17.64
N THR C 53 -6.20 20.21 -18.09
CA THR C 53 -7.10 20.97 -17.22
C THR C 53 -8.15 20.10 -16.58
N THR C 54 -8.42 18.94 -17.21
CA THR C 54 -9.52 18.05 -16.91
C THR C 54 -9.36 17.09 -15.67
N ARG C 55 -8.22 17.14 -14.98
CA ARG C 55 -7.92 16.25 -13.87
C ARG C 55 -8.68 16.65 -12.60
N LYS C 56 -8.95 15.67 -11.74
CA LYS C 56 -9.67 15.89 -10.46
C LYS C 56 -8.89 15.29 -9.30
N GLN C 58 -9.17 12.16 -9.22
CA GLN C 58 -8.63 11.24 -10.20
C GLN C 58 -7.22 10.76 -9.78
N THR C 59 -7.02 9.45 -9.85
CA THR C 59 -5.72 8.80 -9.56
C THR C 59 -4.66 9.22 -10.59
N ALA C 60 -5.13 9.51 -11.79
CA ALA C 60 -4.29 9.83 -12.92
C ALA C 60 -5.18 10.53 -13.93
N ASP C 61 -4.59 11.07 -15.00
CA ASP C 61 -5.43 11.65 -16.04
C ASP C 61 -6.24 10.59 -16.76
N GLY C 62 -5.56 9.50 -17.12
CA GLY C 62 -6.26 8.52 -18.00
C GLY C 62 -5.85 7.10 -17.78
N VAL C 63 -6.35 6.23 -18.65
CA VAL C 63 -5.90 4.84 -18.64
C VAL C 63 -5.49 4.42 -20.08
N ALA C 64 -4.58 3.47 -20.16
CA ALA C 64 -4.19 2.77 -21.41
C ALA C 64 -4.42 1.30 -21.11
N VAL C 65 -5.00 0.61 -22.05
CA VAL C 65 -5.41 -0.76 -21.84
C VAL C 65 -4.51 -1.61 -22.70
N ILE C 66 -3.87 -2.57 -22.05
CA ILE C 66 -3.14 -3.63 -22.74
C ILE C 66 -4.09 -4.84 -22.94
N PRO C 67 -4.68 -5.00 -24.14
CA PRO C 67 -5.78 -5.97 -24.20
C PRO C 67 -5.35 -7.24 -24.88
N VAL C 68 -5.27 -8.31 -24.11
CA VAL C 68 -4.69 -9.54 -24.52
C VAL C 68 -5.86 -10.44 -24.94
N LEU C 69 -5.93 -10.63 -26.23
CA LEU C 69 -6.97 -11.46 -26.90
C LEU C 69 -6.53 -12.93 -26.86
N GLN C 70 -7.23 -13.70 -26.04
CA GLN C 70 -6.94 -15.08 -25.74
C GLN C 70 -7.95 -16.01 -26.42
N ARG C 71 -7.46 -17.01 -27.13
CA ARG C 71 -8.33 -17.98 -27.84
C ARG C 71 -7.74 -19.34 -27.75
N THR C 72 -8.58 -20.37 -27.63
CA THR C 72 -8.01 -21.74 -27.42
C THR C 72 -7.15 -22.21 -28.52
N LEU C 73 -7.48 -21.85 -29.75
CA LEU C 73 -6.74 -22.36 -30.89
C LEU C 73 -5.57 -21.55 -31.35
N HIS C 74 -5.33 -20.38 -30.74
CA HIS C 74 -4.37 -19.45 -31.27
C HIS C 74 -3.42 -18.89 -30.23
N TYR C 75 -2.35 -18.33 -30.74
CA TYR C 75 -1.44 -17.55 -29.89
C TYR C 75 -2.15 -16.27 -29.54
N GLU C 76 -1.72 -15.66 -28.46
CA GLU C 76 -2.37 -14.44 -28.03
C GLU C 76 -2.15 -13.33 -29.01
N CYS C 77 -3.10 -12.39 -29.07
CA CYS C 77 -2.94 -11.16 -29.81
C CYS C 77 -3.02 -9.99 -28.89
N ILE C 78 -2.38 -8.90 -29.29
CA ILE C 78 -2.51 -7.62 -28.61
C ILE C 78 -3.42 -6.75 -29.47
N VAL C 79 -4.47 -6.18 -28.86
CA VAL C 79 -5.49 -5.40 -29.60
C VAL C 79 -5.10 -3.94 -29.53
N LEU C 80 -4.93 -3.32 -30.67
CA LEU C 80 -4.44 -1.94 -30.74
C LEU C 80 -5.41 -1.17 -31.57
N VAL C 81 -5.34 0.14 -31.44
CA VAL C 81 -6.22 1.04 -32.20
C VAL C 81 -5.41 1.99 -33.01
N LYS C 82 -5.92 2.31 -34.20
CA LYS C 82 -5.37 3.34 -35.06
C LYS C 82 -6.40 4.48 -35.20
N GLN C 83 -5.88 5.68 -35.09
CA GLN C 83 -6.71 6.88 -35.16
C GLN C 83 -5.87 8.06 -35.59
N PHE C 84 -6.54 9.02 -36.23
CA PHE C 84 -5.94 10.26 -36.53
C PHE C 84 -5.80 11.06 -35.21
N ARG C 85 -4.62 11.61 -35.01
CA ARG C 85 -4.23 12.39 -33.84
C ARG C 85 -3.84 13.77 -34.28
N PRO C 86 -4.75 14.77 -33.97
CA PRO C 86 -4.45 16.10 -34.48
C PRO C 86 -3.13 16.68 -34.08
N PRO C 87 -2.67 16.45 -32.81
CA PRO C 87 -1.41 17.03 -32.48
C PRO C 87 -0.25 16.48 -33.31
N MET C 88 -0.33 15.22 -33.77
CA MET C 88 0.71 14.62 -34.61
C MET C 88 0.52 14.89 -36.11
N GLY C 89 -0.65 15.39 -36.49
CA GLY C 89 -1.00 15.56 -37.91
C GLY C 89 -1.07 14.29 -38.74
N GLY C 90 -1.26 13.17 -38.07
CA GLY C 90 -1.26 11.89 -38.74
C GLY C 90 -1.85 10.81 -37.85
N TYR C 91 -1.72 9.60 -38.36
CA TYR C 91 -2.34 8.42 -37.77
C TYR C 91 -1.36 7.76 -36.84
N CYS C 92 -1.90 7.30 -35.69
CA CYS C 92 -1.10 6.66 -34.65
C CYS C 92 -1.64 5.35 -34.26
N ILE C 93 -0.74 4.40 -33.95
CA ILE C 93 -1.11 3.06 -33.50
C ILE C 93 -0.86 3.08 -31.95
N GLU C 94 -1.86 2.77 -31.17
CA GLU C 94 -1.79 2.91 -29.67
C GLU C 94 -2.49 1.79 -29.03
N PHE C 95 -2.25 1.63 -27.71
CA PHE C 95 -3.23 0.91 -26.89
C PHE C 95 -4.56 1.71 -26.78
N PRO C 96 -5.69 1.00 -26.72
CA PRO C 96 -6.96 1.67 -26.43
C PRO C 96 -6.84 2.50 -25.14
N ALA C 97 -7.41 3.68 -25.14
CA ALA C 97 -7.18 4.60 -24.08
C ALA C 97 -8.18 5.70 -24.02
N GLY C 98 -8.37 6.24 -22.80
CA GLY C 98 -9.15 7.46 -22.66
C GLY C 98 -9.02 8.03 -21.25
N LEU C 99 -9.55 9.23 -21.03
CA LEU C 99 -9.49 9.86 -19.70
C LEU C 99 -10.42 9.14 -18.73
N ILE C 100 -10.02 9.09 -17.45
CA ILE C 100 -10.85 8.50 -16.39
C ILE C 100 -11.96 9.50 -16.02
N ASP C 101 -13.23 9.09 -16.15
CA ASP C 101 -14.37 9.95 -15.79
C ASP C 101 -14.39 10.25 -14.28
N ASP C 102 -15.15 11.27 -13.92
CA ASP C 102 -15.41 11.62 -12.49
C ASP C 102 -16.12 10.48 -11.73
N GLY C 103 -15.54 10.05 -10.63
CA GLY C 103 -16.13 8.96 -9.84
C GLY C 103 -15.68 7.56 -10.30
N GLU C 104 -15.16 7.45 -11.53
CA GLU C 104 -14.84 6.14 -12.17
C GLU C 104 -13.58 5.65 -11.59
N THR C 105 -13.51 4.37 -11.30
CA THR C 105 -12.25 3.69 -11.04
C THR C 105 -11.40 3.52 -12.36
N PRO C 106 -10.04 3.42 -12.25
CA PRO C 106 -9.24 3.10 -13.46
C PRO C 106 -9.71 1.80 -14.14
N GLU C 107 -10.02 0.79 -13.32
CA GLU C 107 -10.38 -0.51 -13.85
C GLU C 107 -11.68 -0.40 -14.66
N ALA C 108 -12.63 0.40 -14.20
CA ALA C 108 -13.91 0.52 -14.89
C ALA C 108 -13.65 1.29 -16.19
N ALA C 109 -12.92 2.38 -16.07
CA ALA C 109 -12.53 3.18 -17.22
C ALA C 109 -11.89 2.32 -18.32
N ALA C 110 -11.02 1.41 -17.91
CA ALA C 110 -10.35 0.52 -18.83
C ALA C 110 -11.34 -0.38 -19.58
N LEU C 111 -12.25 -1.00 -18.85
CA LEU C 111 -13.24 -1.87 -19.54
C LEU C 111 -14.17 -1.09 -20.46
N ARG C 112 -14.64 0.07 -19.99
CA ARG C 112 -15.47 0.95 -20.80
C ARG C 112 -14.74 1.42 -22.08
N GLU C 113 -13.56 2.02 -21.95
CA GLU C 113 -12.81 2.47 -23.15
C GLU C 113 -12.48 1.31 -24.08
N LEU C 114 -12.13 0.16 -23.51
CA LEU C 114 -11.88 -1.00 -24.37
C LEU C 114 -13.13 -1.39 -25.18
N GLU C 115 -14.23 -1.58 -24.50
CA GLU C 115 -15.50 -1.89 -25.19
C GLU C 115 -15.87 -0.82 -26.24
N GLU C 116 -15.81 0.46 -25.87
CA GLU C 116 -16.13 1.55 -26.80
C GLU C 116 -15.29 1.59 -28.08
N GLU C 117 -13.98 1.40 -27.88
CA GLU C 117 -13.01 1.60 -28.94
C GLU C 117 -12.78 0.34 -29.76
N THR C 118 -13.05 -0.82 -29.18
CA THR C 118 -12.86 -2.06 -29.93
C THR C 118 -14.07 -3.00 -30.05
N GLY C 119 -15.10 -2.84 -29.21
CA GLY C 119 -16.21 -3.80 -29.09
C GLY C 119 -15.92 -4.98 -28.23
N TYR C 120 -14.65 -5.22 -27.84
CA TYR C 120 -14.38 -6.33 -26.94
C TYR C 120 -14.83 -6.17 -25.47
N LYS C 121 -15.41 -7.22 -24.92
CA LYS C 121 -15.70 -7.28 -23.50
C LYS C 121 -14.59 -8.07 -22.80
N GLY C 122 -13.85 -7.37 -21.95
CA GLY C 122 -12.69 -7.93 -21.29
C GLY C 122 -12.83 -8.08 -19.81
N ASP C 123 -11.80 -8.63 -19.20
CA ASP C 123 -11.76 -8.90 -17.75
C ASP C 123 -10.43 -8.27 -17.22
N ILE C 124 -10.48 -7.56 -16.08
CA ILE C 124 -9.29 -6.94 -15.55
C ILE C 124 -8.33 -8.06 -15.17
N ALA C 125 -7.03 -7.94 -15.55
CA ALA C 125 -5.97 -8.78 -15.04
C ALA C 125 -5.06 -8.09 -14.01
N GLU C 126 -4.65 -6.88 -14.30
CA GLU C 126 -3.71 -6.13 -13.45
C GLU C 126 -3.91 -4.61 -13.76
N CYS C 127 -3.47 -3.76 -12.83
CA CYS C 127 -3.61 -2.34 -13.03
C CYS C 127 -2.39 -1.72 -12.39
N SER C 128 -1.66 -0.96 -13.17
CA SER C 128 -0.44 -0.32 -12.67
C SER C 128 -0.76 0.78 -11.68
N PRO C 129 0.29 1.21 -10.93
CA PRO C 129 0.02 2.53 -10.30
C PRO C 129 0.07 3.64 -11.36
N ALA C 130 -0.08 4.88 -10.95
CA ALA C 130 0.02 6.03 -11.88
C ALA C 130 1.43 6.23 -12.37
N VAL C 131 1.63 6.18 -13.72
CA VAL C 131 2.98 6.22 -14.38
C VAL C 131 2.93 7.44 -15.28
N CYS C 132 4.08 8.09 -15.38
CA CYS C 132 4.19 9.36 -16.09
C CYS C 132 4.35 9.12 -17.62
N MET C 133 3.67 9.95 -18.39
CA MET C 133 3.79 9.91 -19.88
C MET C 133 5.01 10.57 -20.50
N ASP C 134 5.38 11.74 -20.00
CA ASP C 134 6.51 12.48 -20.58
C ASP C 134 7.01 13.45 -19.52
N PRO C 135 7.68 12.93 -18.48
CA PRO C 135 7.91 13.67 -17.25
C PRO C 135 8.78 14.93 -17.36
N GLY C 136 9.67 14.98 -18.36
CA GLY C 136 10.45 16.20 -18.71
C GLY C 136 9.62 17.32 -19.37
N LEU C 137 8.38 17.02 -19.71
CA LEU C 137 7.44 17.97 -20.33
C LEU C 137 6.13 18.17 -19.64
N SER C 138 5.46 17.11 -19.21
CA SER C 138 4.12 17.31 -18.67
C SER C 138 3.98 16.55 -17.39
N ASN C 139 2.94 16.86 -16.61
CA ASN C 139 2.62 16.02 -15.43
C ASN C 139 1.65 14.86 -15.70
N CYS C 140 1.26 14.68 -16.96
CA CYS C 140 0.23 13.69 -17.33
C CYS C 140 0.56 12.29 -16.90
N THR C 141 -0.43 11.60 -16.35
CA THR C 141 -0.20 10.22 -15.91
C THR C 141 -1.38 9.33 -16.36
N ILE C 142 -1.07 8.04 -16.38
CA ILE C 142 -2.06 7.03 -16.64
C ILE C 142 -1.93 5.88 -15.69
N HIS C 143 -2.99 5.06 -15.60
CA HIS C 143 -2.81 3.67 -15.19
C HIS C 143 -2.78 2.82 -16.47
N ILE C 144 -1.83 1.90 -16.51
CA ILE C 144 -1.72 0.90 -17.57
C ILE C 144 -2.46 -0.31 -17.00
N VAL C 145 -3.56 -0.64 -17.65
CA VAL C 145 -4.40 -1.71 -17.17
C VAL C 145 -4.39 -2.88 -18.15
N THR C 146 -3.87 -4.01 -17.71
CA THR C 146 -3.85 -5.23 -18.51
C THR C 146 -5.23 -5.89 -18.43
N VAL C 147 -5.76 -6.28 -19.59
CA VAL C 147 -7.18 -6.74 -19.65
C VAL C 147 -7.17 -7.95 -20.58
N THR C 148 -7.65 -9.09 -20.11
CA THR C 148 -7.75 -10.31 -20.91
C THR C 148 -9.10 -10.32 -21.59
N ILE C 149 -9.14 -10.74 -22.85
CA ILE C 149 -10.38 -10.88 -23.61
C ILE C 149 -10.52 -12.35 -23.99
N ASN C 150 -11.61 -13.00 -23.59
CA ASN C 150 -11.94 -14.33 -24.03
C ASN C 150 -12.52 -14.21 -25.44
N GLY C 151 -11.68 -14.47 -26.41
CA GLY C 151 -12.04 -14.39 -27.83
C GLY C 151 -12.94 -15.49 -28.33
N ASP C 152 -13.08 -16.55 -27.57
CA ASP C 152 -13.98 -17.67 -27.88
C ASP C 152 -15.33 -17.55 -27.22
N ASP C 153 -15.51 -16.57 -26.35
CA ASP C 153 -16.83 -16.37 -25.78
C ASP C 153 -17.70 -15.86 -26.89
N ALA C 154 -18.88 -16.50 -27.02
CA ALA C 154 -19.88 -16.08 -27.97
C ALA C 154 -20.07 -14.55 -27.95
N GLU C 155 -20.09 -13.96 -26.74
CA GLU C 155 -20.28 -12.50 -26.63
C GLU C 155 -19.22 -11.64 -27.33
N ASN C 156 -18.01 -12.19 -27.48
CA ASN C 156 -16.98 -11.54 -28.24
C ASN C 156 -16.89 -12.02 -29.69
N ALA C 157 -17.88 -12.77 -30.18
CA ALA C 157 -17.82 -13.23 -31.58
C ALA C 157 -17.73 -12.10 -32.61
N ARG C 158 -18.50 -11.03 -32.39
CA ARG C 158 -18.72 -10.01 -33.40
C ARG C 158 -18.43 -8.64 -32.87
N PRO C 159 -17.23 -8.40 -32.32
CA PRO C 159 -16.98 -7.12 -31.68
C PRO C 159 -17.38 -5.88 -32.51
N LYS C 160 -18.19 -5.02 -31.91
CA LYS C 160 -18.72 -3.84 -32.58
C LYS C 160 -18.24 -2.63 -31.78
N PRO C 161 -17.23 -1.91 -32.27
CA PRO C 161 -16.84 -0.71 -31.54
C PRO C 161 -18.03 0.25 -31.49
N LYS C 162 -18.22 0.96 -30.38
CA LYS C 162 -19.24 2.03 -30.28
C LYS C 162 -18.54 3.29 -29.80
N PRO C 163 -17.93 4.05 -30.72
CA PRO C 163 -17.14 5.19 -30.31
C PRO C 163 -17.99 6.42 -30.05
N GLY C 164 -17.43 7.34 -29.28
CA GLY C 164 -18.04 8.66 -29.12
C GLY C 164 -18.22 9.39 -30.44
N ASP C 165 -18.98 10.47 -30.37
CA ASP C 165 -19.02 11.44 -31.47
C ASP C 165 -17.62 12.07 -31.59
N GLY C 166 -17.15 12.21 -32.81
CA GLY C 166 -15.77 12.64 -33.00
C GLY C 166 -14.67 11.58 -32.78
N GLU C 167 -15.02 10.38 -32.30
CA GLU C 167 -14.03 9.32 -32.12
C GLU C 167 -14.13 8.44 -33.36
N PHE C 168 -12.98 8.22 -34.01
CA PHE C 168 -12.93 7.43 -35.22
C PHE C 168 -11.77 6.44 -35.11
N VAL C 169 -12.09 5.17 -34.97
CA VAL C 169 -11.11 4.21 -34.47
C VAL C 169 -11.11 2.99 -35.32
N GLU C 170 -9.93 2.51 -35.70
CA GLU C 170 -9.79 1.25 -36.42
C GLU C 170 -9.05 0.30 -35.51
N VAL C 171 -9.55 -0.92 -35.42
CA VAL C 171 -9.00 -1.91 -34.53
C VAL C 171 -8.01 -2.75 -35.31
N ILE C 172 -6.84 -2.95 -34.70
CA ILE C 172 -5.81 -3.82 -35.32
C ILE C 172 -5.36 -4.79 -34.21
N SER C 173 -5.50 -6.10 -34.44
CA SER C 173 -4.95 -7.15 -33.53
C SER C 173 -3.74 -7.80 -34.09
N LEU C 174 -2.67 -7.77 -33.32
CA LEU C 174 -1.40 -8.29 -33.77
C LEU C 174 -0.91 -9.36 -32.82
N PRO C 175 -0.26 -10.42 -33.31
CA PRO C 175 0.16 -11.53 -32.45
C PRO C 175 1.26 -11.08 -31.47
N LYS C 176 1.05 -11.38 -30.19
CA LYS C 176 1.96 -10.99 -29.16
C LYS C 176 3.41 -11.52 -29.41
N ASN C 177 3.48 -12.76 -29.88
CA ASN C 177 4.80 -13.39 -30.19
C ASN C 177 5.52 -12.84 -31.46
N ASP C 178 4.93 -11.88 -32.16
CA ASP C 178 5.60 -11.23 -33.29
C ASP C 178 5.33 -9.73 -33.38
N LEU C 179 5.17 -9.09 -32.22
CA LEU C 179 4.57 -7.76 -32.16
C LEU C 179 5.41 -6.73 -32.84
N LEU C 180 6.70 -6.69 -32.51
CA LEU C 180 7.59 -5.69 -33.02
C LEU C 180 7.69 -5.74 -34.56
N GLN C 181 7.90 -6.93 -35.10
CA GLN C 181 8.01 -7.14 -36.57
C GLN C 181 6.75 -6.70 -37.29
N ARG C 182 5.61 -7.08 -36.76
CA ARG C 182 4.34 -6.69 -37.32
C ARG C 182 4.07 -5.20 -37.23
N LEU C 183 4.52 -4.54 -36.15
CA LEU C 183 4.45 -3.08 -36.08
C LEU C 183 5.37 -2.42 -37.11
N ASP C 184 6.60 -2.92 -37.21
CA ASP C 184 7.51 -2.49 -38.29
C ASP C 184 6.91 -2.62 -39.69
N ALA C 185 6.19 -3.70 -39.95
CA ALA C 185 5.60 -3.94 -41.27
C ALA C 185 4.42 -2.99 -41.54
N LEU C 186 3.68 -2.60 -40.51
CA LEU C 186 2.62 -1.56 -40.68
C LEU C 186 3.15 -0.19 -41.01
N VAL C 187 4.17 0.20 -40.26
CA VAL C 187 4.94 1.43 -40.44
C VAL C 187 5.56 1.55 -41.84
N ALA C 188 5.95 0.42 -42.42
CA ALA C 188 6.52 0.37 -43.77
C ALA C 188 5.49 0.59 -44.85
N GLU C 189 4.29 0.05 -44.66
CA GLU C 189 3.25 0.15 -45.68
C GLU C 189 2.61 1.56 -45.78
N GLU C 190 2.50 2.29 -44.65
CA GLU C 190 1.79 3.59 -44.60
C GLU C 190 2.56 4.61 -43.76
N HIS C 191 2.25 5.91 -43.86
CA HIS C 191 2.77 6.84 -42.87
C HIS C 191 1.88 6.81 -41.63
N LEU C 192 2.39 6.08 -40.65
CA LEU C 192 1.81 6.05 -39.35
C LEU C 192 2.87 5.98 -38.28
N THR C 193 2.49 6.39 -37.07
CA THR C 193 3.45 6.48 -35.98
C THR C 193 3.03 5.50 -34.87
N VAL C 194 3.97 4.73 -34.35
CA VAL C 194 3.65 3.84 -33.24
C VAL C 194 3.87 4.59 -31.93
N ASP C 195 2.95 4.38 -31.01
CA ASP C 195 3.06 4.94 -29.65
C ASP C 195 4.28 4.39 -28.90
N ALA C 196 4.94 5.25 -28.10
CA ALA C 196 6.20 4.81 -27.42
C ALA C 196 5.96 3.76 -26.31
N ARG C 197 4.78 3.76 -25.69
CA ARG C 197 4.44 2.63 -24.74
C ARG C 197 4.22 1.30 -25.46
N VAL C 198 3.59 1.38 -26.61
CA VAL C 198 3.40 0.22 -27.45
C VAL C 198 4.75 -0.37 -27.91
N TYR C 199 5.62 0.46 -28.44
CA TYR C 199 6.90 0.06 -28.94
C TYR C 199 7.76 -0.49 -27.77
N SER C 200 7.69 0.11 -26.60
CA SER C 200 8.43 -0.36 -25.43
C SER C 200 8.00 -1.73 -25.03
N TYR C 201 6.69 -1.92 -25.08
CA TYR C 201 6.08 -3.21 -24.76
C TYR C 201 6.56 -4.28 -25.78
N ALA C 202 6.44 -3.98 -27.09
CA ALA C 202 6.98 -4.85 -28.16
C ALA C 202 8.46 -5.22 -28.01
N LEU C 203 9.26 -4.25 -27.66
CA LEU C 203 10.71 -4.46 -27.48
C LEU C 203 10.93 -5.45 -26.31
N ALA C 204 10.28 -5.20 -25.18
CA ALA C 204 10.42 -6.14 -24.04
C ALA C 204 9.94 -7.57 -24.46
N LEU C 205 8.81 -7.68 -25.18
CA LEU C 205 8.39 -8.98 -25.60
C LEU C 205 9.54 -9.69 -26.38
N LYS C 206 10.11 -9.03 -27.38
CA LYS C 206 11.27 -9.54 -28.19
C LYS C 206 12.50 -9.91 -27.33
N HIS C 207 12.79 -9.06 -26.33
CA HIS C 207 14.02 -9.21 -25.50
C HIS C 207 13.88 -10.14 -24.30
N ALA C 208 12.66 -10.49 -23.96
CA ALA C 208 12.46 -11.42 -22.85
C ALA C 208 13.16 -12.72 -23.14
N LYS D 15 -7.80 9.97 -45.35
CA LYS D 15 -9.23 10.21 -44.96
C LYS D 15 -9.33 11.52 -44.19
N GLN D 16 -8.68 11.64 -43.03
CA GLN D 16 -8.63 12.90 -42.24
C GLN D 16 -7.37 13.72 -42.49
N TYR D 17 -7.42 15.04 -42.27
CA TYR D 17 -6.26 15.95 -42.46
C TYR D 17 -6.29 17.20 -41.64
N ILE D 18 -5.12 17.84 -41.50
CA ILE D 18 -4.97 19.14 -40.81
C ILE D 18 -5.45 20.25 -41.77
N ILE D 19 -6.41 21.06 -41.32
CA ILE D 19 -6.91 22.26 -42.04
C ILE D 19 -6.02 23.43 -41.64
N SER D 20 -5.85 23.68 -40.33
CA SER D 20 -4.93 24.72 -39.86
C SER D 20 -4.48 24.63 -38.42
N GLU D 21 -3.42 25.37 -38.12
CA GLU D 21 -2.73 25.35 -36.84
C GLU D 21 -2.39 26.77 -36.38
N GLU D 22 -3.11 27.25 -35.37
CA GLU D 22 -2.94 28.60 -34.85
C GLU D 22 -2.08 28.60 -33.59
N LEU D 23 -1.07 29.47 -33.55
CA LEU D 23 -0.18 29.59 -32.40
C LEU D 23 -0.99 30.28 -31.32
N ILE D 24 -1.08 29.68 -30.14
CA ILE D 24 -1.78 30.31 -28.99
C ILE D 24 -0.80 30.88 -27.98
N SER D 25 0.28 30.18 -27.67
CA SER D 25 1.32 30.73 -26.77
C SER D 25 2.64 29.98 -26.98
N GLU D 26 3.76 30.69 -26.94
CA GLU D 26 5.09 30.12 -27.23
C GLU D 26 6.20 30.62 -26.30
N GLY D 27 6.52 29.83 -25.27
CA GLY D 27 7.68 30.07 -24.40
C GLY D 27 8.98 29.59 -25.02
N LYS D 28 10.04 29.53 -24.22
CA LYS D 28 11.40 29.22 -24.73
C LYS D 28 11.58 27.79 -25.27
N TRP D 29 10.87 26.82 -24.70
CA TRP D 29 11.04 25.39 -25.08
C TRP D 29 9.76 24.65 -25.54
N VAL D 30 8.59 25.22 -25.28
CA VAL D 30 7.29 24.57 -25.50
C VAL D 30 6.31 25.63 -25.99
N LYS D 31 5.40 25.24 -26.90
CA LYS D 31 4.32 26.11 -27.38
C LYS D 31 2.98 25.36 -27.49
N LEU D 32 1.91 26.13 -27.41
CA LEU D 32 0.54 25.64 -27.41
C LEU D 32 -0.14 26.12 -28.69
N GLU D 33 -0.97 25.26 -29.27
CA GLU D 33 -1.70 25.57 -30.54
C GLU D 33 -3.12 25.11 -30.54
N LYS D 34 -3.99 25.89 -31.17
CA LYS D 34 -5.29 25.42 -31.59
C LYS D 34 -5.19 24.78 -33.00
N THR D 35 -5.65 23.54 -33.09
CA THR D 35 -5.51 22.73 -34.28
C THR D 35 -6.87 22.51 -34.88
N THR D 36 -7.08 22.84 -36.15
CA THR D 36 -8.34 22.51 -36.84
C THR D 36 -8.15 21.38 -37.84
N TYR D 37 -9.13 20.47 -37.96
CA TYR D 37 -9.00 19.32 -38.88
C TYR D 37 -10.33 18.79 -39.38
N MET D 38 -10.29 18.04 -40.48
CA MET D 38 -11.44 17.42 -41.09
C MET D 38 -11.51 15.99 -40.63
N ASP D 39 -12.68 15.61 -40.08
CA ASP D 39 -12.94 14.25 -39.72
C ASP D 39 -13.38 13.41 -40.94
N PRO D 40 -13.57 12.10 -40.77
CA PRO D 40 -13.96 11.27 -41.91
C PRO D 40 -15.38 11.55 -42.47
N THR D 41 -16.29 12.02 -41.60
CA THR D 41 -17.68 12.37 -41.98
C THR D 41 -17.72 13.64 -42.84
N GLY D 42 -16.64 14.44 -42.85
CA GLY D 42 -16.53 15.69 -43.62
C GLY D 42 -16.72 16.96 -42.79
N LYS D 43 -16.55 16.85 -41.48
CA LYS D 43 -16.84 17.92 -40.55
C LYS D 43 -15.56 18.48 -39.91
N THR D 44 -15.42 19.81 -39.94
CA THR D 44 -14.37 20.52 -39.22
C THR D 44 -14.52 20.25 -37.73
N ARG D 45 -13.41 19.96 -37.05
CA ARG D 45 -13.37 19.94 -35.59
C ARG D 45 -12.08 20.58 -35.15
N THR D 46 -11.91 20.79 -33.85
CA THR D 46 -10.67 21.36 -33.35
C THR D 46 -10.06 20.59 -32.18
N TRP D 47 -8.85 20.99 -31.79
CA TRP D 47 -8.01 20.33 -30.79
C TRP D 47 -6.99 21.32 -30.21
N GLU D 48 -6.46 21.07 -29.02
CA GLU D 48 -5.33 21.83 -28.50
C GLU D 48 -4.15 20.91 -28.41
N SER D 49 -3.02 21.36 -28.96
CA SER D 49 -1.83 20.57 -29.16
C SER D 49 -0.59 21.27 -28.61
N VAL D 50 0.35 20.47 -28.15
CA VAL D 50 1.54 20.94 -27.53
C VAL D 50 2.67 20.50 -28.45
N LYS D 51 3.63 21.41 -28.70
CA LYS D 51 4.87 21.09 -29.40
C LYS D 51 6.06 21.74 -28.71
N ARG D 52 7.23 21.10 -28.81
CA ARG D 52 8.49 21.74 -28.44
C ARG D 52 8.90 22.67 -29.57
N THR D 53 9.89 23.52 -29.30
CA THR D 53 10.41 24.47 -30.27
C THR D 53 11.81 24.06 -30.72
N THR D 54 11.90 22.83 -31.25
CA THR D 54 13.12 22.29 -31.88
C THR D 54 12.83 20.93 -32.52
N ALA D 60 13.36 13.03 -35.01
CA ALA D 60 12.60 13.15 -33.75
C ALA D 60 13.16 14.18 -32.74
N ASP D 61 12.44 14.47 -31.67
CA ASP D 61 12.95 15.40 -30.63
C ASP D 61 14.10 14.80 -29.82
N GLY D 62 13.89 13.57 -29.33
CA GLY D 62 14.82 12.90 -28.41
C GLY D 62 15.15 11.43 -28.68
N VAL D 63 15.93 10.90 -27.74
CA VAL D 63 16.17 9.49 -27.61
C VAL D 63 15.88 9.06 -26.16
N ALA D 64 15.40 7.84 -26.02
CA ALA D 64 15.41 7.17 -24.71
C ALA D 64 16.21 5.94 -24.91
N VAL D 65 17.02 5.53 -23.94
CA VAL D 65 17.91 4.42 -24.16
C VAL D 65 17.47 3.27 -23.25
N ILE D 66 17.50 2.05 -23.79
CA ILE D 66 17.24 0.85 -23.01
C ILE D 66 18.56 0.15 -22.87
N PRO D 67 19.24 0.39 -21.73
CA PRO D 67 20.59 -0.12 -21.57
C PRO D 67 20.62 -1.47 -20.80
N VAL D 68 21.01 -2.52 -21.49
CA VAL D 68 21.11 -3.89 -20.94
C VAL D 68 22.56 -4.14 -20.52
N LEU D 69 22.83 -4.08 -19.23
CA LEU D 69 24.18 -4.40 -18.64
C LEU D 69 24.54 -5.94 -18.59
N GLN D 70 25.46 -6.39 -19.44
CA GLN D 70 25.75 -7.83 -19.57
C GLN D 70 27.15 -8.26 -19.07
N ARG D 71 27.20 -9.17 -18.09
CA ARG D 71 28.49 -9.82 -17.73
C ARG D 71 28.37 -11.33 -17.90
N THR D 72 29.41 -12.02 -18.40
CA THR D 72 29.29 -13.48 -18.49
C THR D 72 29.16 -14.12 -17.11
N LEU D 73 28.47 -15.27 -17.06
CA LEU D 73 28.13 -15.89 -15.80
C LEU D 73 27.27 -15.05 -14.78
N HIS D 74 26.52 -14.09 -15.28
CA HIS D 74 25.70 -13.24 -14.43
C HIS D 74 24.42 -12.85 -15.16
N TYR D 75 23.42 -12.48 -14.38
CA TYR D 75 22.06 -12.06 -14.90
C TYR D 75 22.28 -10.69 -15.55
N GLU D 76 21.34 -10.31 -16.42
CA GLU D 76 21.31 -8.98 -17.03
C GLU D 76 20.57 -8.04 -16.14
N CYS D 77 20.94 -6.77 -16.29
CA CYS D 77 20.42 -5.68 -15.53
C CYS D 77 20.03 -4.54 -16.45
N ILE D 78 19.00 -3.82 -16.06
CA ILE D 78 18.47 -2.73 -16.91
C ILE D 78 18.83 -1.48 -16.10
N VAL D 79 19.55 -0.56 -16.74
CA VAL D 79 20.11 0.59 -16.07
C VAL D 79 19.13 1.75 -16.24
N LEU D 80 18.52 2.23 -15.17
CA LEU D 80 17.56 3.33 -15.21
C LEU D 80 18.21 4.49 -14.53
N VAL D 81 17.49 5.64 -14.48
CA VAL D 81 17.99 6.83 -13.82
C VAL D 81 16.85 7.47 -13.12
N LYS D 82 17.10 8.09 -11.96
CA LYS D 82 16.09 8.89 -11.24
C LYS D 82 16.62 10.27 -11.18
N GLN D 83 15.68 11.17 -11.30
CA GLN D 83 15.97 12.57 -11.22
C GLN D 83 14.67 13.27 -10.93
N PHE D 84 14.82 14.51 -10.50
CA PHE D 84 13.69 15.39 -10.19
C PHE D 84 13.15 15.94 -11.50
N ARG D 85 11.81 15.96 -11.67
CA ARG D 85 11.16 16.40 -12.90
C ARG D 85 10.17 17.49 -12.53
N PRO D 86 10.53 18.77 -12.80
CA PRO D 86 9.67 19.91 -12.45
C PRO D 86 8.28 19.81 -12.94
N PRO D 87 8.06 19.33 -14.18
CA PRO D 87 6.66 19.18 -14.51
C PRO D 87 5.87 18.20 -13.58
N MET D 88 6.55 17.15 -13.09
CA MET D 88 5.91 16.16 -12.18
C MET D 88 6.03 16.55 -10.69
N GLY D 89 6.78 17.59 -10.38
CA GLY D 89 6.91 17.96 -8.98
C GLY D 89 7.56 16.91 -8.09
N GLY D 90 8.32 15.98 -8.67
CA GLY D 90 8.87 14.89 -7.86
C GLY D 90 9.83 14.13 -8.71
N TYR D 91 10.41 13.10 -8.12
CA TYR D 91 11.39 12.31 -8.76
C TYR D 91 10.70 11.18 -9.63
N CYS D 92 11.24 10.94 -10.84
CA CYS D 92 10.78 9.95 -11.74
C CYS D 92 11.90 8.97 -12.02
N ILE D 93 11.57 7.71 -12.30
CA ILE D 93 12.55 6.66 -12.67
C ILE D 93 12.32 6.42 -14.15
N GLU D 94 13.36 6.64 -14.96
CA GLU D 94 13.26 6.55 -16.41
C GLU D 94 14.39 5.83 -17.06
N PHE D 95 14.18 5.57 -18.36
CA PHE D 95 15.25 5.13 -19.20
C PHE D 95 16.10 6.40 -19.33
N PRO D 96 17.41 6.22 -19.38
CA PRO D 96 18.22 7.45 -19.66
C PRO D 96 17.71 8.11 -20.97
N ALA D 97 17.68 9.43 -21.01
CA ALA D 97 17.12 10.10 -22.16
C ALA D 97 17.70 11.48 -22.33
N GLY D 98 17.66 11.97 -23.57
CA GLY D 98 17.98 13.37 -23.84
C GLY D 98 17.50 13.81 -25.21
N LEU D 99 17.56 15.12 -25.49
CA LEU D 99 17.30 15.58 -26.87
C LEU D 99 18.45 15.32 -27.79
N ILE D 100 18.15 15.24 -29.08
CA ILE D 100 19.15 14.99 -30.09
C ILE D 100 19.74 16.38 -30.44
N ASP D 101 21.08 16.46 -30.51
CA ASP D 101 21.82 17.70 -30.88
C ASP D 101 21.68 17.87 -32.38
N ASP D 102 21.62 19.12 -32.90
CA ASP D 102 21.57 19.30 -34.38
C ASP D 102 22.78 18.62 -35.05
N GLY D 103 22.52 17.87 -36.13
CA GLY D 103 23.55 17.14 -36.86
C GLY D 103 23.77 15.70 -36.41
N GLU D 104 23.66 15.47 -35.10
CA GLU D 104 23.81 14.17 -34.44
C GLU D 104 22.71 13.17 -34.79
N THR D 105 23.10 11.94 -35.03
CA THR D 105 22.19 10.88 -35.44
C THR D 105 21.54 10.33 -34.13
N PRO D 106 20.41 9.60 -34.22
CA PRO D 106 19.85 8.98 -33.00
C PRO D 106 20.80 8.04 -32.23
N GLU D 107 21.50 7.15 -32.94
CA GLU D 107 22.38 6.21 -32.31
C GLU D 107 23.49 6.88 -31.54
N ALA D 108 24.16 7.84 -32.16
CA ALA D 108 25.25 8.54 -31.50
C ALA D 108 24.68 9.34 -30.31
N ALA D 109 23.49 9.93 -30.44
CA ALA D 109 22.93 10.63 -29.25
C ALA D 109 22.65 9.66 -28.07
N ALA D 110 22.30 8.42 -28.40
CA ALA D 110 22.00 7.42 -27.36
C ALA D 110 23.28 7.10 -26.61
N LEU D 111 24.32 6.71 -27.36
CA LEU D 111 25.62 6.37 -26.71
C LEU D 111 26.15 7.56 -25.91
N ARG D 112 25.91 8.79 -26.40
CA ARG D 112 26.38 9.98 -25.68
C ARG D 112 25.60 10.17 -24.40
N GLU D 113 24.30 10.24 -24.52
CA GLU D 113 23.41 10.43 -23.37
C GLU D 113 23.54 9.31 -22.32
N LEU D 114 23.70 8.06 -22.76
CA LEU D 114 23.93 6.96 -21.81
C LEU D 114 25.26 7.16 -21.08
N GLU D 115 26.34 7.44 -21.82
CA GLU D 115 27.60 7.76 -21.14
C GLU D 115 27.48 9.01 -20.24
N GLU D 116 26.83 10.09 -20.71
CA GLU D 116 26.61 11.23 -19.80
C GLU D 116 25.90 10.89 -18.53
N GLU D 117 24.80 10.14 -18.65
CA GLU D 117 23.90 9.99 -17.51
C GLU D 117 24.24 8.82 -16.58
N THR D 118 25.00 7.86 -17.09
CA THR D 118 25.36 6.65 -16.37
C THR D 118 26.88 6.39 -16.27
N GLY D 119 27.69 6.88 -17.20
CA GLY D 119 29.12 6.46 -17.30
C GLY D 119 29.39 5.32 -18.27
N TYR D 120 28.36 4.53 -18.60
CA TYR D 120 28.61 3.37 -19.42
C TYR D 120 28.84 3.71 -20.90
N LYS D 121 29.52 2.81 -21.59
CA LYS D 121 29.98 2.89 -22.95
C LYS D 121 29.32 1.68 -23.57
N GLY D 122 28.24 1.94 -24.31
CA GLY D 122 27.43 0.90 -24.89
C GLY D 122 27.79 0.55 -26.29
N ASP D 123 27.07 -0.44 -26.80
CA ASP D 123 27.07 -0.82 -28.20
C ASP D 123 25.62 -0.79 -28.68
N ILE D 124 25.37 -0.27 -29.89
CA ILE D 124 24.01 -0.24 -30.41
C ILE D 124 23.55 -1.65 -30.79
N ALA D 125 22.43 -2.09 -30.22
CA ALA D 125 21.76 -3.33 -30.60
C ALA D 125 20.65 -3.05 -31.63
N GLU D 126 19.94 -1.94 -31.49
CA GLU D 126 18.83 -1.61 -32.43
C GLU D 126 18.29 -0.25 -32.06
N CYS D 127 17.50 0.32 -32.97
CA CYS D 127 17.01 1.68 -32.87
C CYS D 127 15.64 1.74 -33.54
N SER D 128 14.68 2.31 -32.83
CA SER D 128 13.30 2.39 -33.36
C SER D 128 13.16 3.54 -34.36
N PRO D 129 12.12 3.47 -35.23
CA PRO D 129 11.69 4.69 -35.87
C PRO D 129 11.22 5.68 -34.81
N ALA D 130 10.87 6.88 -35.23
CA ALA D 130 10.35 7.85 -34.34
C ALA D 130 8.95 7.43 -33.83
N VAL D 131 8.74 7.57 -32.52
CA VAL D 131 7.58 6.97 -31.82
C VAL D 131 7.03 8.11 -30.96
N CYS D 132 5.71 8.18 -30.78
CA CYS D 132 5.04 9.34 -30.25
C CYS D 132 4.92 9.16 -28.72
N MET D 133 5.23 10.21 -28.02
CA MET D 133 5.17 10.24 -26.55
C MET D 133 3.78 10.31 -25.92
N ASP D 134 2.92 11.19 -26.40
CA ASP D 134 1.54 11.31 -25.95
C ASP D 134 0.75 11.95 -27.08
N PRO D 135 0.37 11.15 -28.11
CA PRO D 135 -0.12 11.69 -29.39
C PRO D 135 -1.42 12.47 -29.29
N GLY D 136 -2.23 12.17 -28.27
CA GLY D 136 -3.47 12.90 -28.03
C GLY D 136 -3.18 14.29 -27.41
N LEU D 137 -1.92 14.57 -27.09
CA LEU D 137 -1.56 15.82 -26.47
C LEU D 137 -0.53 16.62 -27.21
N SER D 138 0.62 16.02 -27.48
CA SER D 138 1.75 16.70 -28.04
C SER D 138 2.25 15.99 -29.30
N ASN D 139 3.16 16.62 -30.02
CA ASN D 139 3.61 16.04 -31.24
C ASN D 139 4.95 15.41 -30.93
N CYS D 140 5.36 15.30 -29.66
CA CYS D 140 6.73 14.90 -29.35
C CYS D 140 6.96 13.44 -29.66
N THR D 141 8.16 13.19 -30.18
CA THR D 141 8.60 11.90 -30.56
C THR D 141 10.05 11.67 -30.07
N ILE D 142 10.38 10.39 -29.94
CA ILE D 142 11.73 9.96 -29.65
C ILE D 142 12.09 8.74 -30.51
N HIS D 143 13.36 8.40 -30.55
CA HIS D 143 13.75 7.07 -30.99
C HIS D 143 14.02 6.31 -29.68
N ILE D 144 13.56 5.07 -29.61
CA ILE D 144 13.98 4.16 -28.53
C ILE D 144 15.12 3.31 -29.02
N VAL D 145 16.26 3.47 -28.32
CA VAL D 145 17.47 2.90 -28.71
C VAL D 145 17.90 1.83 -27.72
N THR D 146 17.94 0.57 -28.15
CA THR D 146 18.34 -0.53 -27.25
C THR D 146 19.91 -0.62 -27.33
N VAL D 147 20.57 -0.69 -26.19
CA VAL D 147 22.05 -0.54 -26.08
C VAL D 147 22.66 -1.56 -25.10
N THR D 148 23.54 -2.44 -25.55
CA THR D 148 24.12 -3.45 -24.68
C THR D 148 25.42 -2.91 -24.11
N ILE D 149 25.73 -3.28 -22.88
CA ILE D 149 26.89 -2.71 -22.20
C ILE D 149 27.71 -3.92 -21.83
N ASN D 150 28.97 -3.94 -22.24
CA ASN D 150 29.83 -5.13 -22.03
C ASN D 150 30.48 -4.86 -20.69
N GLY D 151 29.84 -5.36 -19.61
CA GLY D 151 30.26 -5.01 -18.27
C GLY D 151 31.48 -5.74 -17.75
N ASP D 152 32.06 -6.63 -18.57
CA ASP D 152 33.36 -7.23 -18.34
C ASP D 152 34.51 -6.35 -18.87
N ASP D 153 34.23 -5.46 -19.83
CA ASP D 153 35.22 -4.47 -20.27
C ASP D 153 35.61 -3.56 -19.10
N ALA D 154 36.93 -3.34 -18.99
CA ALA D 154 37.51 -2.45 -17.97
C ALA D 154 36.85 -1.06 -17.91
N GLU D 155 36.57 -0.47 -19.08
CA GLU D 155 36.00 0.88 -19.21
C GLU D 155 34.61 0.95 -18.57
N ASN D 156 33.96 -0.21 -18.49
CA ASN D 156 32.68 -0.37 -17.80
C ASN D 156 32.78 -1.03 -16.42
N ALA D 157 33.98 -1.14 -15.85
CA ALA D 157 34.17 -1.79 -14.53
C ALA D 157 33.44 -1.07 -13.37
N ARG D 158 33.58 0.26 -13.33
CA ARG D 158 32.88 1.09 -12.35
C ARG D 158 32.96 2.57 -12.78
N PRO D 159 32.37 2.90 -13.96
CA PRO D 159 32.36 4.26 -14.48
C PRO D 159 31.42 5.16 -13.68
N LYS D 160 31.62 6.48 -13.77
CA LYS D 160 30.79 7.53 -13.09
C LYS D 160 30.16 8.51 -14.09
N PRO D 161 28.99 9.08 -13.75
CA PRO D 161 28.27 9.93 -14.71
C PRO D 161 28.92 11.30 -14.90
N LYS D 162 28.95 11.81 -16.14
CA LYS D 162 29.39 13.18 -16.46
C LYS D 162 28.20 14.08 -16.89
N PRO D 163 27.43 14.59 -15.92
CA PRO D 163 26.27 15.42 -16.30
C PRO D 163 26.63 16.78 -16.88
N GLY D 164 25.70 17.36 -17.66
CA GLY D 164 25.76 18.79 -18.03
C GLY D 164 25.37 19.66 -16.84
N ASP D 165 25.32 20.99 -17.05
CA ASP D 165 24.96 21.92 -15.97
C ASP D 165 23.49 21.78 -15.66
N GLY D 166 23.14 21.82 -14.39
CA GLY D 166 21.77 21.59 -13.95
C GLY D 166 21.15 20.21 -14.17
N GLU D 167 21.97 19.20 -14.49
CA GLU D 167 21.52 17.80 -14.65
C GLU D 167 21.97 16.99 -13.45
N PHE D 168 21.00 16.50 -12.66
CA PHE D 168 21.29 15.76 -11.41
C PHE D 168 20.57 14.41 -11.51
N VAL D 169 21.36 13.34 -11.73
CA VAL D 169 20.84 12.00 -11.99
C VAL D 169 21.44 10.98 -11.00
N GLU D 170 20.61 10.07 -10.44
CA GLU D 170 21.10 8.85 -9.77
C GLU D 170 20.85 7.68 -10.72
N VAL D 171 21.86 6.82 -10.86
CA VAL D 171 21.74 5.60 -11.60
C VAL D 171 21.00 4.61 -10.67
N ILE D 172 20.13 3.81 -11.29
CA ILE D 172 19.42 2.69 -10.60
C ILE D 172 19.45 1.51 -11.51
N SER D 173 20.31 0.53 -11.19
CA SER D 173 20.46 -0.68 -11.98
C SER D 173 19.61 -1.78 -11.34
N LEU D 174 18.63 -2.31 -12.08
CA LEU D 174 17.74 -3.38 -11.58
C LEU D 174 17.86 -4.66 -12.40
N PRO D 175 17.66 -5.82 -11.73
CA PRO D 175 17.68 -7.04 -12.49
C PRO D 175 16.54 -7.01 -13.48
N LYS D 176 16.86 -7.32 -14.71
CA LYS D 176 15.91 -7.48 -15.77
C LYS D 176 14.82 -8.52 -15.32
N ASN D 177 15.27 -9.60 -14.69
CA ASN D 177 14.41 -10.73 -14.31
C ASN D 177 13.30 -10.47 -13.26
N ASP D 178 13.35 -9.35 -12.55
CA ASP D 178 12.31 -9.03 -11.64
C ASP D 178 12.03 -7.59 -11.73
N LEU D 179 12.14 -7.05 -12.94
CA LEU D 179 12.05 -5.62 -13.11
C LEU D 179 10.74 -5.06 -12.63
N LEU D 180 9.62 -5.70 -13.01
CA LEU D 180 8.35 -5.19 -12.64
C LEU D 180 8.09 -5.14 -11.12
N GLN D 181 8.46 -6.24 -10.44
CA GLN D 181 8.33 -6.37 -8.97
C GLN D 181 9.15 -5.29 -8.30
N ARG D 182 10.37 -5.14 -8.78
CA ARG D 182 11.29 -4.12 -8.21
C ARG D 182 10.76 -2.74 -8.38
N LEU D 183 10.18 -2.42 -9.53
CA LEU D 183 9.51 -1.13 -9.69
C LEU D 183 8.33 -0.94 -8.80
N ASP D 184 7.46 -1.93 -8.74
CA ASP D 184 6.29 -1.81 -7.88
C ASP D 184 6.71 -1.55 -6.42
N ALA D 185 7.82 -2.18 -5.98
CA ALA D 185 8.32 -2.06 -4.59
C ALA D 185 8.81 -0.65 -4.32
N LEU D 186 9.57 -0.11 -5.27
CA LEU D 186 9.98 1.29 -5.17
C LEU D 186 8.81 2.22 -4.99
N VAL D 187 7.74 2.04 -5.78
CA VAL D 187 6.56 2.87 -5.76
C VAL D 187 5.78 2.76 -4.46
N ALA D 188 5.80 1.57 -3.85
CA ALA D 188 5.04 1.35 -2.64
C ALA D 188 5.75 2.06 -1.47
N GLU D 189 7.06 2.19 -1.59
CA GLU D 189 7.88 2.70 -0.48
C GLU D 189 8.33 4.17 -0.54
N GLU D 190 8.67 4.64 -1.74
CA GLU D 190 9.34 5.95 -1.95
C GLU D 190 8.51 6.88 -2.80
N HIS D 191 8.72 8.18 -2.57
CA HIS D 191 7.93 9.24 -3.12
C HIS D 191 8.54 9.37 -4.52
N LEU D 192 7.92 8.68 -5.47
CA LEU D 192 8.39 8.79 -6.86
C LEU D 192 7.37 8.22 -7.81
N THR D 193 7.61 8.46 -9.09
CA THR D 193 6.78 7.97 -10.20
C THR D 193 7.64 7.22 -11.24
N VAL D 194 7.11 6.10 -11.74
CA VAL D 194 7.85 5.30 -12.73
C VAL D 194 7.34 5.78 -14.03
N ASP D 195 8.19 5.72 -15.04
CA ASP D 195 7.80 6.17 -16.36
C ASP D 195 6.93 5.12 -17.04
N ALA D 196 5.93 5.56 -17.78
CA ALA D 196 5.08 4.64 -18.58
C ALA D 196 5.80 3.70 -19.54
N ARG D 197 6.87 4.17 -20.19
N ARG D 197 6.85 4.18 -20.23
CA ARG D 197 7.62 3.34 -21.12
CA ARG D 197 7.68 3.35 -21.14
C ARG D 197 8.45 2.29 -20.38
C ARG D 197 8.36 2.26 -20.33
N VAL D 198 8.98 2.64 -19.21
CA VAL D 198 9.72 1.67 -18.37
C VAL D 198 8.71 0.62 -17.83
N TYR D 199 7.55 1.09 -17.43
CA TYR D 199 6.57 0.19 -16.86
C TYR D 199 6.00 -0.73 -17.95
N SER D 200 5.79 -0.23 -19.16
CA SER D 200 5.28 -1.10 -20.26
C SER D 200 6.33 -2.09 -20.60
N TYR D 201 7.63 -1.69 -20.62
CA TYR D 201 8.75 -2.63 -20.84
C TYR D 201 8.71 -3.79 -19.80
N ALA D 202 8.70 -3.41 -18.52
CA ALA D 202 8.72 -4.37 -17.45
C ALA D 202 7.44 -5.30 -17.49
N LEU D 203 6.27 -4.75 -17.76
CA LEU D 203 5.04 -5.54 -18.00
C LEU D 203 5.23 -6.64 -19.03
N ALA D 204 5.73 -6.24 -20.18
CA ALA D 204 6.00 -7.16 -21.27
C ALA D 204 7.05 -8.25 -20.95
N LEU D 205 8.04 -7.95 -20.10
CA LEU D 205 8.99 -9.03 -19.69
C LEU D 205 8.27 -10.20 -18.98
N LYS D 206 7.21 -9.89 -18.26
CA LYS D 206 6.37 -10.86 -17.60
C LYS D 206 5.36 -11.46 -18.59
N HIS D 207 4.75 -10.63 -19.44
CA HIS D 207 3.74 -11.16 -20.40
C HIS D 207 4.26 -12.05 -21.52
N ALA D 208 5.51 -11.82 -21.89
CA ALA D 208 6.19 -12.52 -22.97
C ALA D 208 6.17 -14.04 -22.88
N ASN D 209 6.05 -14.65 -24.05
CA ASN D 209 6.19 -16.09 -24.28
C ASN D 209 4.92 -16.85 -23.93
MG MG E . 9.43 -8.31 23.27
MG MG F . 12.69 -7.39 24.35
CL CL G . -16.93 1.18 8.84
N1 K0A H . -16.63 -17.22 30.60
C4 K0A H . -16.81 -18.56 31.26
C5 K0A H . -17.37 -19.42 30.11
C6 K0A H . -18.26 -18.43 29.30
C7 K0A H . -17.70 -17.02 29.58
C8 K0A H . -14.81 -16.75 33.23
N K0A H . -13.24 -16.36 31.52
C K0A H . -11.06 -16.58 32.53
O K0A H . -15.55 -15.21 30.16
C1 K0A H . -12.51 -16.59 32.57
C2 K0A H . -14.60 -16.46 31.91
C3 K0A H . -15.63 -16.24 30.86
C9 K0A H . -16.07 -16.90 33.96
S K0A H . -13.35 -16.92 34.08
C1 EDO I . 1.53 -8.15 29.43
O1 EDO I . 0.98 -9.48 29.54
C2 EDO I . 2.43 -8.06 28.21
O2 EDO I . 1.58 -7.91 27.06
C1 EDO J . -27.13 4.79 7.41
O1 EDO J . -27.31 3.46 7.87
C2 EDO J . -28.30 5.63 7.92
O2 EDO J . -28.32 5.77 9.37
MG MG K . -18.78 -9.69 26.83
MG MG L . -22.09 -11.19 26.06
N1 K0A M . 9.34 -12.85 30.59
C4 K0A M . 9.76 -13.40 31.90
C5 K0A M . 10.64 -12.31 32.51
C6 K0A M . 10.95 -11.29 31.42
C7 K0A M . 10.31 -11.83 30.13
C8 K0A M . 7.86 -15.71 30.29
N K0A M . 6.09 -14.18 30.33
C K0A M . 4.07 -15.40 30.78
O K0A M . 7.86 -12.51 28.89
C1 K0A M . 5.49 -15.30 30.55
C2 K0A M . 7.45 -14.39 30.18
C3 K0A M . 8.26 -13.22 29.83
C9 K0A M . 9.22 -16.26 30.21
S K0A M . 6.51 -16.72 30.59
C1 EDO N . -16.35 -13.69 -20.86
O1 EDO N . -15.99 -12.82 -21.98
C2 EDO N . -15.93 -13.24 -19.46
O2 EDO N . -16.21 -11.85 -19.13
MG MG O . -10.84 7.97 -25.81
MG MG P . -9.21 6.92 -26.93
C1 EDO Q . -3.25 10.59 -21.77
O1 EDO Q . -2.20 10.04 -22.60
C2 EDO Q . -2.62 11.57 -20.80
O2 EDO Q . -2.33 12.80 -21.51
MG MG R . 18.19 13.29 -19.44
MG MG S . 19.11 14.75 -20.66
N1 K0A T . -10.19 14.97 -24.47
C4 K0A T . -10.98 16.18 -24.16
C5 K0A T . -11.86 15.73 -22.98
C6 K0A T . -12.17 14.26 -23.27
C7 K0A T . -11.00 13.76 -24.16
C8 K0A T . -8.63 17.08 -26.38
N K0A T . -6.85 16.31 -25.06
C K0A T . -5.02 17.92 -25.37
O K0A T . -8.31 13.78 -25.07
C1 K0A T . -6.37 17.41 -25.58
C2 K0A T . -8.16 16.11 -25.51
C3 K0A T . -8.90 14.88 -25.03
C9 K0A T . -9.91 17.14 -27.09
S K0A T . -7.43 18.26 -26.63
N1 K0A U . 15.86 20.73 -22.31
C4 K0A U . 17.10 19.94 -22.59
C5 K0A U . 18.10 20.96 -23.19
C6 K0A U . 17.19 21.98 -23.85
C7 K0A U . 16.00 22.11 -22.86
C8 K0A U . 13.44 22.15 -20.61
N K0A U . 12.24 20.58 -21.89
C K0A U . 9.86 21.25 -21.73
O K0A U . 14.67 18.99 -21.41
C1 K0A U . 11.28 21.39 -21.44
C2 K0A U . 13.48 21.02 -21.39
C3 K0A U . 14.70 20.21 -21.69
C9 K0A U . 14.60 22.85 -19.98
S K0A U . 11.80 22.71 -20.43
C1 EDO V . 11.16 13.73 -24.96
O1 EDO V . 10.47 12.66 -24.32
C2 EDO V . 10.17 14.40 -25.91
O2 EDO V . 9.29 15.26 -25.20
#